data_2AVH
# 
_entry.id   2AVH 
# 
_audit_conform.dict_name       mmcif_pdbx.dic 
_audit_conform.dict_version    5.389 
_audit_conform.dict_location   http://mmcif.pdb.org/dictionaries/ascii/mmcif_pdbx.dic 
# 
loop_
_database_2.database_id 
_database_2.database_code 
_database_2.pdbx_database_accession 
_database_2.pdbx_DOI 
PDB   2AVH         pdb_00002avh 10.2210/pdb2avh/pdb 
NDB   UD0062       ?            ?                   
RCSB  RCSB034361   ?            ?                   
WWPDB D_1000034361 ?            ?                   
# 
loop_
_pdbx_audit_revision_history.ordinal 
_pdbx_audit_revision_history.data_content_type 
_pdbx_audit_revision_history.major_revision 
_pdbx_audit_revision_history.minor_revision 
_pdbx_audit_revision_history.revision_date 
1 'Structure model' 1 0 2006-03-28 
2 'Structure model' 1 1 2008-05-01 
3 'Structure model' 1 2 2011-07-13 
4 'Structure model' 1 3 2017-10-11 
5 'Structure model' 1 4 2024-02-14 
6 'Structure model' 1 5 2024-04-03 
# 
_pdbx_audit_revision_details.ordinal             1 
_pdbx_audit_revision_details.revision_ordinal    1 
_pdbx_audit_revision_details.data_content_type   'Structure model' 
_pdbx_audit_revision_details.provider            repository 
_pdbx_audit_revision_details.type                'Initial release' 
_pdbx_audit_revision_details.description         ? 
_pdbx_audit_revision_details.details             ? 
# 
loop_
_pdbx_audit_revision_group.ordinal 
_pdbx_audit_revision_group.revision_ordinal 
_pdbx_audit_revision_group.data_content_type 
_pdbx_audit_revision_group.group 
1 2 'Structure model' 'Version format compliance' 
2 3 'Structure model' 'Version format compliance' 
3 4 'Structure model' 'Refinement description'    
4 5 'Structure model' 'Data collection'           
5 5 'Structure model' 'Database references'       
6 5 'Structure model' 'Derived calculations'      
7 6 'Structure model' 'Refinement description'    
# 
loop_
_pdbx_audit_revision_category.ordinal 
_pdbx_audit_revision_category.revision_ordinal 
_pdbx_audit_revision_category.data_content_type 
_pdbx_audit_revision_category.category 
1 4 'Structure model' software                      
2 5 'Structure model' chem_comp_atom                
3 5 'Structure model' chem_comp_bond                
4 5 'Structure model' database_2                    
5 5 'Structure model' pdbx_struct_conn_angle        
6 5 'Structure model' pdbx_struct_special_symmetry  
7 5 'Structure model' struct_conn                   
8 5 'Structure model' struct_site                   
9 6 'Structure model' pdbx_initial_refinement_model 
# 
loop_
_pdbx_audit_revision_item.ordinal 
_pdbx_audit_revision_item.revision_ordinal 
_pdbx_audit_revision_item.data_content_type 
_pdbx_audit_revision_item.item 
1  5 'Structure model' '_database_2.pdbx_DOI'                        
2  5 'Structure model' '_database_2.pdbx_database_accession'         
3  5 'Structure model' '_pdbx_struct_conn_angle.ptnr1_auth_comp_id'  
4  5 'Structure model' '_pdbx_struct_conn_angle.ptnr1_auth_seq_id'   
5  5 'Structure model' '_pdbx_struct_conn_angle.ptnr1_label_asym_id' 
6  5 'Structure model' '_pdbx_struct_conn_angle.ptnr1_label_atom_id' 
7  5 'Structure model' '_pdbx_struct_conn_angle.ptnr1_label_comp_id' 
8  5 'Structure model' '_pdbx_struct_conn_angle.ptnr1_label_seq_id'  
9  5 'Structure model' '_pdbx_struct_conn_angle.ptnr1_symmetry'      
10 5 'Structure model' '_pdbx_struct_conn_angle.ptnr2_auth_seq_id'   
11 5 'Structure model' '_pdbx_struct_conn_angle.ptnr2_label_asym_id' 
12 5 'Structure model' '_pdbx_struct_conn_angle.ptnr3_auth_comp_id'  
13 5 'Structure model' '_pdbx_struct_conn_angle.ptnr3_auth_seq_id'   
14 5 'Structure model' '_pdbx_struct_conn_angle.ptnr3_label_asym_id' 
15 5 'Structure model' '_pdbx_struct_conn_angle.ptnr3_label_atom_id' 
16 5 'Structure model' '_pdbx_struct_conn_angle.ptnr3_label_comp_id' 
17 5 'Structure model' '_pdbx_struct_conn_angle.ptnr3_label_seq_id'  
18 5 'Structure model' '_pdbx_struct_conn_angle.ptnr3_symmetry'      
19 5 'Structure model' '_pdbx_struct_conn_angle.value'               
20 5 'Structure model' '_struct_conn.pdbx_dist_value'                
21 5 'Structure model' '_struct_conn.ptnr1_auth_comp_id'             
22 5 'Structure model' '_struct_conn.ptnr1_auth_seq_id'              
23 5 'Structure model' '_struct_conn.ptnr1_label_asym_id'            
24 5 'Structure model' '_struct_conn.ptnr1_label_atom_id'            
25 5 'Structure model' '_struct_conn.ptnr1_label_comp_id'            
26 5 'Structure model' '_struct_conn.ptnr1_label_seq_id'             
27 5 'Structure model' '_struct_conn.ptnr1_symmetry'                 
28 5 'Structure model' '_struct_conn.ptnr2_auth_comp_id'             
29 5 'Structure model' '_struct_conn.ptnr2_auth_seq_id'              
30 5 'Structure model' '_struct_conn.ptnr2_label_asym_id'            
31 5 'Structure model' '_struct_conn.ptnr2_label_atom_id'            
32 5 'Structure model' '_struct_conn.ptnr2_label_comp_id'            
33 5 'Structure model' '_struct_conn.ptnr2_label_seq_id'             
34 5 'Structure model' '_struct_conn.ptnr2_symmetry'                 
35 5 'Structure model' '_struct_site.pdbx_auth_asym_id'              
36 5 'Structure model' '_struct_site.pdbx_auth_comp_id'              
37 5 'Structure model' '_struct_site.pdbx_auth_seq_id'               
# 
_pdbx_database_status.entry_id                        2AVH 
_pdbx_database_status.deposit_site                    RCSB 
_pdbx_database_status.process_site                    RCSB 
_pdbx_database_status.recvd_initial_deposition_date   2005-08-30 
_pdbx_database_status.status_code                     REL 
_pdbx_database_status.status_code_sf                  REL 
_pdbx_database_status.status_code_mr                  ? 
_pdbx_database_status.SG_entry                        ? 
_pdbx_database_status.pdb_format_compatible           Y 
_pdbx_database_status.status_code_cs                  ? 
_pdbx_database_status.methods_development_category    ? 
_pdbx_database_status.status_code_nmr_data            ? 
# 
_pdbx_database_related.db_name        PDB 
_pdbx_database_related.db_id          2AVJ 
_pdbx_database_related.details        . 
_pdbx_database_related.content_type   unspecified 
# 
loop_
_audit_author.name 
_audit_author.pdbx_ordinal 
'Hazel, P.'       1 
'Parkinson, G.N.' 2 
'Neidle, S.'      3 
# 
_citation.id                        primary 
_citation.title                     
'Topology variation and loop structural homology in crystal and simulated structures of a bimolecular DNA quadruplex.' 
_citation.journal_abbrev            J.Am.Chem.Soc. 
_citation.journal_volume            128 
_citation.page_first                5480 
_citation.page_last                 5487 
_citation.year                      2006 
_citation.journal_id_ASTM           JACSAT 
_citation.country                   US 
_citation.journal_id_ISSN           0002-7863 
_citation.journal_id_CSD            0004 
_citation.book_publisher            ? 
_citation.pdbx_database_id_PubMed   16620121 
_citation.pdbx_database_id_DOI      10.1021/ja058577+ 
# 
loop_
_citation_author.citation_id 
_citation_author.name 
_citation_author.ordinal 
_citation_author.identifier_ORCID 
primary 'Hazel, P.'       1 ? 
primary 'Parkinson, G.N.' 2 ? 
primary 'Neidle, S.'      3 ? 
# 
loop_
_entity.id 
_entity.type 
_entity.src_method 
_entity.pdbx_description 
_entity.formula_weight 
_entity.pdbx_number_of_molecules 
_entity.pdbx_ec 
_entity.pdbx_mutation 
_entity.pdbx_fragment 
_entity.details 
1 polymer     syn "5'-D(*GP*GP*GP*GP*TP*TP*TP*GP*GP*GP*G)-3'" 3501.267 1  ? ? ? ? 
2 non-polymer syn 'POTASSIUM ION'                             39.098   4  ? ? ? ? 
3 water       nat water                                       18.015   54 ? ? ? ? 
# 
_entity_poly.entity_id                      1 
_entity_poly.type                           polydeoxyribonucleotide 
_entity_poly.nstd_linkage                   no 
_entity_poly.nstd_monomer                   no 
_entity_poly.pdbx_seq_one_letter_code       '(DG)(DG)(DG)(DG)(DT)(DT)(DT)(DG)(DG)(DG)(DG)' 
_entity_poly.pdbx_seq_one_letter_code_can   GGGGTTTGGGG 
_entity_poly.pdbx_strand_id                 A 
_entity_poly.pdbx_target_identifier         ? 
# 
loop_
_pdbx_entity_nonpoly.entity_id 
_pdbx_entity_nonpoly.name 
_pdbx_entity_nonpoly.comp_id 
2 'POTASSIUM ION' K   
3 water           HOH 
# 
loop_
_entity_poly_seq.entity_id 
_entity_poly_seq.num 
_entity_poly_seq.mon_id 
_entity_poly_seq.hetero 
1 1  DG n 
1 2  DG n 
1 3  DG n 
1 4  DG n 
1 5  DT n 
1 6  DT n 
1 7  DT n 
1 8  DG n 
1 9  DG n 
1 10 DG n 
1 11 DG n 
# 
loop_
_chem_comp.id 
_chem_comp.type 
_chem_comp.mon_nstd_flag 
_chem_comp.name 
_chem_comp.pdbx_synonyms 
_chem_comp.formula 
_chem_comp.formula_weight 
DG  'DNA linking' y "2'-DEOXYGUANOSINE-5'-MONOPHOSPHATE" ? 'C10 H14 N5 O7 P' 347.221 
DT  'DNA linking' y "THYMIDINE-5'-MONOPHOSPHATE"         ? 'C10 H15 N2 O8 P' 322.208 
HOH non-polymer   . WATER                                ? 'H2 O'            18.015  
K   non-polymer   . 'POTASSIUM ION'                      ? 'K 1'             39.098  
# 
loop_
_pdbx_poly_seq_scheme.asym_id 
_pdbx_poly_seq_scheme.entity_id 
_pdbx_poly_seq_scheme.seq_id 
_pdbx_poly_seq_scheme.mon_id 
_pdbx_poly_seq_scheme.ndb_seq_num 
_pdbx_poly_seq_scheme.pdb_seq_num 
_pdbx_poly_seq_scheme.auth_seq_num 
_pdbx_poly_seq_scheme.pdb_mon_id 
_pdbx_poly_seq_scheme.auth_mon_id 
_pdbx_poly_seq_scheme.pdb_strand_id 
_pdbx_poly_seq_scheme.pdb_ins_code 
_pdbx_poly_seq_scheme.hetero 
A 1 1  DG 1  1  1  DG G A . n 
A 1 2  DG 2  2  2  DG G A . n 
A 1 3  DG 3  3  3  DG G A . n 
A 1 4  DG 4  4  4  DG G A . n 
A 1 5  DT 5  5  5  DT T A . n 
A 1 6  DT 6  6  6  DT T A . n 
A 1 7  DT 7  7  7  DT T A . n 
A 1 8  DG 8  8  8  DG G A . n 
A 1 9  DG 9  9  9  DG G A . n 
A 1 10 DG 10 10 10 DG G A . n 
A 1 11 DG 11 11 11 DG G A . n 
# 
loop_
_pdbx_nonpoly_scheme.asym_id 
_pdbx_nonpoly_scheme.entity_id 
_pdbx_nonpoly_scheme.mon_id 
_pdbx_nonpoly_scheme.ndb_seq_num 
_pdbx_nonpoly_scheme.pdb_seq_num 
_pdbx_nonpoly_scheme.auth_seq_num 
_pdbx_nonpoly_scheme.pdb_mon_id 
_pdbx_nonpoly_scheme.auth_mon_id 
_pdbx_nonpoly_scheme.pdb_strand_id 
_pdbx_nonpoly_scheme.pdb_ins_code 
B 2 K   1  12 12 K   K   A . 
C 2 K   1  13 13 K   K   A . 
D 2 K   1  14 14 K   K   A . 
E 2 K   1  15 15 K   K   A . 
F 3 HOH 1  16 16 HOH HOH A . 
F 3 HOH 2  17 17 HOH HOH A . 
F 3 HOH 3  18 18 HOH HOH A . 
F 3 HOH 4  19 19 HOH HOH A . 
F 3 HOH 5  20 20 HOH HOH A . 
F 3 HOH 6  21 21 HOH HOH A . 
F 3 HOH 7  22 22 HOH HOH A . 
F 3 HOH 8  23 23 HOH HOH A . 
F 3 HOH 9  24 24 HOH HOH A . 
F 3 HOH 10 25 25 HOH HOH A . 
F 3 HOH 11 26 26 HOH HOH A . 
F 3 HOH 12 27 27 HOH HOH A . 
F 3 HOH 13 28 28 HOH HOH A . 
F 3 HOH 14 29 29 HOH HOH A . 
F 3 HOH 15 30 30 HOH HOH A . 
F 3 HOH 16 31 31 HOH HOH A . 
F 3 HOH 17 32 32 HOH HOH A . 
F 3 HOH 18 33 33 HOH HOH A . 
F 3 HOH 19 34 34 HOH HOH A . 
F 3 HOH 20 35 35 HOH HOH A . 
F 3 HOH 21 36 36 HOH HOH A . 
F 3 HOH 22 37 37 HOH HOH A . 
F 3 HOH 23 38 38 HOH HOH A . 
F 3 HOH 24 39 39 HOH HOH A . 
F 3 HOH 25 40 40 HOH HOH A . 
F 3 HOH 26 41 41 HOH HOH A . 
F 3 HOH 27 42 42 HOH HOH A . 
F 3 HOH 28 43 43 HOH HOH A . 
F 3 HOH 29 44 44 HOH HOH A . 
F 3 HOH 30 45 45 HOH HOH A . 
F 3 HOH 31 46 46 HOH HOH A . 
F 3 HOH 32 47 47 HOH HOH A . 
F 3 HOH 33 48 48 HOH HOH A . 
F 3 HOH 34 49 49 HOH HOH A . 
F 3 HOH 35 50 50 HOH HOH A . 
F 3 HOH 36 51 51 HOH HOH A . 
F 3 HOH 37 52 52 HOH HOH A . 
F 3 HOH 38 53 53 HOH HOH A . 
F 3 HOH 39 54 54 HOH HOH A . 
F 3 HOH 40 55 55 HOH HOH A . 
F 3 HOH 41 56 56 HOH HOH A . 
F 3 HOH 42 57 57 HOH HOH A . 
F 3 HOH 43 58 58 HOH HOH A . 
F 3 HOH 44 59 59 HOH HOH A . 
F 3 HOH 45 60 60 HOH HOH A . 
F 3 HOH 46 61 61 HOH HOH A . 
F 3 HOH 47 62 62 HOH HOH A . 
F 3 HOH 48 63 63 HOH HOH A . 
F 3 HOH 49 64 64 HOH HOH A . 
F 3 HOH 50 65 65 HOH HOH A . 
F 3 HOH 51 66 66 HOH HOH A . 
F 3 HOH 52 67 67 HOH HOH A . 
F 3 HOH 53 68 68 HOH HOH A . 
F 3 HOH 54 69 69 HOH HOH A . 
# 
loop_
_software.name 
_software.version 
_software.date 
_software.type 
_software.contact_author 
_software.contact_author_email 
_software.classification 
_software.location 
_software.language 
_software.citation_id 
_software.pdbx_ordinal 
DENZO       .     ?               package 'Zbyszek Otwinowski' zbyszek@mix.swmed.edu    'data reduction'  
http://www.lnls.br/infra/linhasluz/denzo-hkl.htm      ?       ? 1 
SCALEPACK   .     ?               package 'Zbyszek Otwinowski' zbyszek@mix.swmed.edu    'data scaling'    
http://www.lnls.br/infra/linhasluz/denzo-hkl.htm      ?       ? 2 
EPMR        2.5   'Sep 13 2000'   program 'Charles R'          crk@agouron.com          phasing           
http://www.msg.ucsf.edu/local/programs/epmr/epmr.html ?       ? 3 
REFMAC      .     ?               program 'Murshudov, G.N.'    ccp4@dl.ac.uk            refinement        
http://www.ccp4.ac.uk/main.html                       Fortran ? 4 
PDB_EXTRACT 1.700 'May. 30, 2005' package PDB                  sw-help@rcsb.rutgers.edu 'data extraction' 
http://pdb.rutgers.edu/software/                      C++     ? 5 
# 
_cell.length_a           29.932 
_cell.length_b           37.112 
_cell.length_c           43.653 
_cell.angle_alpha        90.00 
_cell.angle_beta         90.00 
_cell.angle_gamma        90.00 
_cell.entry_id           2AVH 
_cell.pdbx_unique_axis   ? 
_cell.Z_PDB              8 
# 
_symmetry.space_group_name_H-M             'C 2 2 2' 
_symmetry.entry_id                         2AVH 
_symmetry.pdbx_full_space_group_name_H-M   ? 
_symmetry.Int_Tables_number                21 
_symmetry.cell_setting                     ? 
_symmetry.space_group_name_Hall            ? 
# 
_exptl.entry_id          2AVH 
_exptl.crystals_number   1 
_exptl.method            'X-RAY DIFFRACTION' 
# 
_exptl_crystal.id                    1 
_exptl_crystal.density_Matthews      1.83 
_exptl_crystal.density_meas          ? 
_exptl_crystal.density_percent_sol   32.14 
_exptl_crystal.description           ? 
_exptl_crystal.F_000                 ? 
_exptl_crystal.preparation           ? 
# 
_exptl_crystal_grow.crystal_id      1 
_exptl_crystal_grow.method          'VAPOR DIFFUSION, HANGING DROP' 
_exptl_crystal_grow.pH              6.5 
_exptl_crystal_grow.temp            284.15 
_exptl_crystal_grow.temp_details    ? 
_exptl_crystal_grow.pdbx_details    
'sodium iodide, sodium cacodylate, PEG 400, pH 6.5, VAPOR DIFFUSION, HANGING DROP, temperature 284.15K' 
_exptl_crystal_grow.pdbx_pH_range   . 
# 
loop_
_exptl_crystal_grow_comp.crystal_id 
_exptl_crystal_grow_comp.id 
_exptl_crystal_grow_comp.sol_id 
_exptl_crystal_grow_comp.name 
_exptl_crystal_grow_comp.conc 
_exptl_crystal_grow_comp.volume 
_exptl_crystal_grow_comp.details 
1 1 1 'sodium iodide'     ? ? ? 
1 2 1 'sodium cacodylate' ? ? ? 
1 3 1 'PEG 400'           ? ? ? 
1 4 1 H2O                 ? ? ? 
1 5 2 'sodium iodide'     ? ? ? 
1 6 2 'sodium cacodylate' ? ? ? 
1 7 2 'PEG 400'           ? ? ? 
1 8 2 H2O                 ? ? ? 
# 
_diffrn.id                     1 
_diffrn.ambient_temp           99 
_diffrn.ambient_temp_details   ? 
_diffrn.crystal_id             1 
# 
_diffrn_detector.diffrn_id              1 
_diffrn_detector.detector               CCD 
_diffrn_detector.type                   'ADSC QUANTUM 4' 
_diffrn_detector.pdbx_collection_date   2004-11-14 
_diffrn_detector.details                ? 
# 
_diffrn_radiation.diffrn_id                        1 
_diffrn_radiation.wavelength_id                    1 
_diffrn_radiation.pdbx_diffrn_protocol             'SINGLE WAVELENGTH' 
_diffrn_radiation.monochromator                    ? 
_diffrn_radiation.pdbx_monochromatic_or_laue_m_l   M 
_diffrn_radiation.pdbx_scattering_type             x-ray 
# 
_diffrn_radiation_wavelength.id           1 
_diffrn_radiation_wavelength.wavelength   0.9792 
_diffrn_radiation_wavelength.wt           1.0 
# 
_diffrn_source.diffrn_id                   1 
_diffrn_source.source                      SYNCHROTRON 
_diffrn_source.type                        'ESRF BEAMLINE ID14-4' 
_diffrn_source.pdbx_wavelength             ? 
_diffrn_source.pdbx_wavelength_list        0.9792 
_diffrn_source.pdbx_synchrotron_site       ESRF 
_diffrn_source.pdbx_synchrotron_beamline   ID14-4 
# 
_reflns.entry_id                     2AVH 
_reflns.d_resolution_low             25.00 
_reflns.d_resolution_high            1.50 
_reflns.number_obs                   4066 
_reflns.percent_possible_obs         99.000 
_reflns.pdbx_Rmerge_I_obs            0.054 
_reflns.pdbx_chi_squared             1.121 
_reflns.pdbx_redundancy              ? 
_reflns.pdbx_scaling_rejects         ? 
_reflns.pdbx_netI_over_sigmaI        ? 
_reflns.pdbx_Rsym_value              ? 
_reflns.observed_criterion_sigma_F   0 
_reflns.observed_criterion_sigma_I   0 
_reflns.number_all                   4066 
_reflns.B_iso_Wilson_estimate        ? 
_reflns.R_free_details               ? 
_reflns.pdbx_diffrn_id               1 
_reflns.pdbx_ordinal                 1 
# 
_reflns_shell.d_res_low              1.540 
_reflns_shell.d_res_high             1.50 
_reflns_shell.number_measured_obs    390 
_reflns_shell.percent_possible_obs   98.700 
_reflns_shell.Rmerge_I_obs           ? 
_reflns_shell.pdbx_chi_squared       0.365 
_reflns_shell.pdbx_redundancy        ? 
_reflns_shell.number_unique_obs      ? 
_reflns_shell.meanI_over_sigI_obs    ? 
_reflns_shell.pdbx_Rsym_value        ? 
_reflns_shell.percent_possible_all   96.127 
_reflns_shell.number_unique_all      ? 
_reflns_shell.number_measured_all    ? 
_reflns_shell.pdbx_diffrn_id         ? 
_reflns_shell.pdbx_ordinal           1 
# 
_refine.ls_d_res_high                            1.500 
_refine.ls_d_res_low                             23.3 
_refine.pdbx_ls_sigma_F                          0.00 
_refine.ls_percent_reflns_obs                    98.910 
_refine.ls_number_reflns_obs                     4065 
_refine.pdbx_ls_cross_valid_method               THROUGHOUT 
_refine.pdbx_R_Free_selection_details            RANDOM 
_refine.details                                  ? 
_refine.ls_R_factor_all                          0.199 
_refine.ls_R_factor_R_work                       0.198 
_refine.ls_R_factor_R_free                       0.208 
_refine.ls_percent_reflns_R_free                 4.500 
_refine.ls_number_reflns_R_free                  184 
_refine.B_iso_mean                               19.437 
_refine.aniso_B[1][1]                            -0.660 
_refine.aniso_B[2][2]                            0.490 
_refine.aniso_B[3][3]                            0.160 
_refine.aniso_B[1][2]                            0.000 
_refine.aniso_B[1][3]                            0.000 
_refine.aniso_B[2][3]                            0.000 
_refine.correlation_coeff_Fo_to_Fc               0.959 
_refine.correlation_coeff_Fo_to_Fc_free          0.954 
_refine.pdbx_overall_ESU_R                       0.099 
_refine.pdbx_overall_ESU_R_Free                  0.087 
_refine.overall_SU_ML                            0.063 
_refine.overall_SU_B                             1.752 
_refine.solvent_model_details                    MASK 
_refine.pdbx_solvent_vdw_probe_radii             1.200 
_refine.pdbx_solvent_ion_probe_radii             0.800 
_refine.pdbx_solvent_shrinkage_radii             0.800 
_refine.pdbx_stereochemistry_target_values       'MAXIMUM LIKELIHOOD' 
_refine.entry_id                                 2AVH 
_refine.pdbx_ls_sigma_I                          ? 
_refine.ls_number_reflns_all                     4065 
_refine.ls_R_factor_obs                          0.199 
_refine.ls_redundancy_reflns_obs                 ? 
_refine.pdbx_data_cutoff_high_absF               ? 
_refine.pdbx_data_cutoff_low_absF                ? 
_refine.ls_number_parameters                     ? 
_refine.ls_number_restraints                     ? 
_refine.ls_R_factor_R_free_error                 ? 
_refine.ls_R_factor_R_free_error_details         ? 
_refine.pdbx_method_to_determine_struct          'MOLECULAR REPLACEMENT' 
_refine.pdbx_starting_model                      'GGGG(+U)TTGGGG chain A (P21)' 
_refine.pdbx_stereochem_target_val_spec_case     ? 
_refine.solvent_model_param_bsol                 ? 
_refine.solvent_model_param_ksol                 ? 
_refine.occupancy_max                            ? 
_refine.occupancy_min                            ? 
_refine.pdbx_isotropic_thermal_model             ? 
_refine.overall_SU_R_Cruickshank_DPI             ? 
_refine.overall_SU_R_free                        ? 
_refine.pdbx_data_cutoff_high_rms_absF           ? 
_refine.ls_wR_factor_R_free                      ? 
_refine.ls_wR_factor_R_work                      ? 
_refine.overall_FOM_free_R_set                   ? 
_refine.overall_FOM_work_R_set                   ? 
_refine.pdbx_refine_id                           'X-RAY DIFFRACTION' 
_refine.pdbx_diffrn_id                           1 
_refine.pdbx_TLS_residual_ADP_flag               ? 
_refine.pdbx_overall_phase_error                 ? 
_refine.pdbx_overall_SU_R_free_Cruickshank_DPI   ? 
_refine.pdbx_overall_SU_R_Blow_DPI               ? 
_refine.pdbx_overall_SU_R_free_Blow_DPI          ? 
# 
_refine_hist.pdbx_refine_id                   'X-RAY DIFFRACTION' 
_refine_hist.cycle_id                         LAST 
_refine_hist.pdbx_number_atoms_protein        0 
_refine_hist.pdbx_number_atoms_nucleic_acid   233 
_refine_hist.pdbx_number_atoms_ligand         4 
_refine_hist.number_atoms_solvent             54 
_refine_hist.number_atoms_total               291 
_refine_hist.d_res_high                       1.500 
_refine_hist.d_res_low                        23.3 
# 
loop_
_refine_ls_restr.type 
_refine_ls_restr.number 
_refine_ls_restr.dev_ideal 
_refine_ls_restr.dev_ideal_target 
_refine_ls_restr.weight 
_refine_ls_restr.pdbx_refine_id 
_refine_ls_restr.pdbx_restraint_function 
r_bond_refined_d             262 0.004 0.021 ? 'X-RAY DIFFRACTION' ? 
r_angle_refined_deg          406 1.150 3.000 ? 'X-RAY DIFFRACTION' ? 
r_chiral_restr               43  0.049 0.200 ? 'X-RAY DIFFRACTION' ? 
r_gen_planes_refined         126 0.003 0.020 ? 'X-RAY DIFFRACTION' ? 
r_nbd_refined                90  0.310 0.200 ? 'X-RAY DIFFRACTION' ? 
r_nbtor_refined              150 0.272 0.200 ? 'X-RAY DIFFRACTION' ? 
r_xyhbond_nbd_refined        38  0.110 0.200 ? 'X-RAY DIFFRACTION' ? 
r_metal_ion_refined          4   0.060 0.200 ? 'X-RAY DIFFRACTION' ? 
r_symmetry_vdw_refined       32  0.375 0.200 ? 'X-RAY DIFFRACTION' ? 
r_symmetry_hbond_refined     22  0.125 0.200 ? 'X-RAY DIFFRACTION' ? 
r_symmetry_metal_ion_refined 4   0.096 0.200 ? 'X-RAY DIFFRACTION' ? 
r_scbond_it                  282 1.030 3.000 ? 'X-RAY DIFFRACTION' ? 
r_scangle_it                 406 1.517 4.500 ? 'X-RAY DIFFRACTION' ? 
# 
_refine_ls_shell.d_res_high                       1.50 
_refine_ls_shell.d_res_low                        1.540 
_refine_ls_shell.pdbx_total_number_of_bins_used   20 
_refine_ls_shell.percent_reflns_obs               96.127 
_refine_ls_shell.number_reflns_R_work             262 
_refine_ls_shell.R_factor_R_work                  0.299 
_refine_ls_shell.R_factor_R_free                  0.222 
_refine_ls_shell.percent_reflns_R_free            ? 
_refine_ls_shell.number_reflns_R_free             11 
_refine_ls_shell.R_factor_R_free_error            ? 
_refine_ls_shell.redundancy_reflns_obs            ? 
_refine_ls_shell.pdbx_refine_id                   'X-RAY DIFFRACTION' 
_refine_ls_shell.number_reflns_all                ? 
_refine_ls_shell.R_factor_all                     ? 
# 
_struct.entry_id                  2AVH 
_struct.title                     'G4T3G4 dimeric quadruplex structure' 
_struct.pdbx_model_details        ? 
_struct.pdbx_CASP_flag            ? 
_struct.pdbx_model_type_details   ? 
# 
_struct_keywords.entry_id        2AVH 
_struct_keywords.pdbx_keywords   DNA 
_struct_keywords.text            'quadruplex, loop, DNA' 
# 
loop_
_struct_asym.id 
_struct_asym.pdbx_blank_PDB_chainid_flag 
_struct_asym.pdbx_modified 
_struct_asym.entity_id 
_struct_asym.details 
A N N 1 ? 
B N N 2 ? 
C N N 2 ? 
D N N 2 ? 
E N N 2 ? 
F N N 3 ? 
# 
_struct_ref.id                         1 
_struct_ref.entity_id                  1 
_struct_ref.db_name                    PDB 
_struct_ref.db_code                    2AVH 
_struct_ref.pdbx_db_accession          2AVH 
_struct_ref.pdbx_db_isoform            ? 
_struct_ref.pdbx_seq_one_letter_code   ? 
_struct_ref.pdbx_align_begin           ? 
# 
_struct_ref_seq.align_id                      1 
_struct_ref_seq.ref_id                        1 
_struct_ref_seq.pdbx_PDB_id_code              2AVH 
_struct_ref_seq.pdbx_strand_id                A 
_struct_ref_seq.seq_align_beg                 1 
_struct_ref_seq.pdbx_seq_align_beg_ins_code   ? 
_struct_ref_seq.seq_align_end                 11 
_struct_ref_seq.pdbx_seq_align_end_ins_code   ? 
_struct_ref_seq.pdbx_db_accession             2AVH 
_struct_ref_seq.db_align_beg                  1 
_struct_ref_seq.pdbx_db_align_beg_ins_code    ? 
_struct_ref_seq.db_align_end                  11 
_struct_ref_seq.pdbx_db_align_end_ins_code    ? 
_struct_ref_seq.pdbx_auth_seq_align_beg       1 
_struct_ref_seq.pdbx_auth_seq_align_end       11 
# 
_pdbx_struct_assembly.id                   1 
_pdbx_struct_assembly.details              author_defined_assembly 
_pdbx_struct_assembly.method_details       ? 
_pdbx_struct_assembly.oligomeric_details   dimeric 
_pdbx_struct_assembly.oligomeric_count     2 
# 
_pdbx_struct_assembly_gen.assembly_id       1 
_pdbx_struct_assembly_gen.oper_expression   1,2 
_pdbx_struct_assembly_gen.asym_id_list      A,B,C,D,E,F 
# 
loop_
_pdbx_struct_oper_list.id 
_pdbx_struct_oper_list.type 
_pdbx_struct_oper_list.name 
_pdbx_struct_oper_list.symmetry_operation 
_pdbx_struct_oper_list.matrix[1][1] 
_pdbx_struct_oper_list.matrix[1][2] 
_pdbx_struct_oper_list.matrix[1][3] 
_pdbx_struct_oper_list.vector[1] 
_pdbx_struct_oper_list.matrix[2][1] 
_pdbx_struct_oper_list.matrix[2][2] 
_pdbx_struct_oper_list.matrix[2][3] 
_pdbx_struct_oper_list.vector[2] 
_pdbx_struct_oper_list.matrix[3][1] 
_pdbx_struct_oper_list.matrix[3][2] 
_pdbx_struct_oper_list.matrix[3][3] 
_pdbx_struct_oper_list.vector[3] 
1 'identity operation'         1_555 x,y,z           1.0000000000 0.0000000000  0.0000000000  0.0000000000 0.0000000000  1.0000000000  0.0000000000 0.0000000000 0.0000000000  0.0000000000 1.0000000000  0.0000000000 
2 'crystal symmetry operation' 6_565 -x+1/2,-y+3/2,z 0.0286437172 -0.2025877966 -0.9788450961 7.3554255359 -0.2025877966 -0.9601010392 0.1927801316 4.2927354211 -0.9788450961 0.1927801316 -0.0685426780 6.8411809807 
# 
_struct_biol.id                    1 
_struct_biol.pdbx_parent_biol_id   ? 
_struct_biol.details               ? 
# 
loop_
_struct_conn.id 
_struct_conn.conn_type_id 
_struct_conn.pdbx_leaving_atom_flag 
_struct_conn.pdbx_PDB_id 
_struct_conn.ptnr1_label_asym_id 
_struct_conn.ptnr1_label_comp_id 
_struct_conn.ptnr1_label_seq_id 
_struct_conn.ptnr1_label_atom_id 
_struct_conn.pdbx_ptnr1_label_alt_id 
_struct_conn.pdbx_ptnr1_PDB_ins_code 
_struct_conn.pdbx_ptnr1_standard_comp_id 
_struct_conn.ptnr1_symmetry 
_struct_conn.ptnr2_label_asym_id 
_struct_conn.ptnr2_label_comp_id 
_struct_conn.ptnr2_label_seq_id 
_struct_conn.ptnr2_label_atom_id 
_struct_conn.pdbx_ptnr2_label_alt_id 
_struct_conn.pdbx_ptnr2_PDB_ins_code 
_struct_conn.ptnr1_auth_asym_id 
_struct_conn.ptnr1_auth_comp_id 
_struct_conn.ptnr1_auth_seq_id 
_struct_conn.ptnr2_auth_asym_id 
_struct_conn.ptnr2_auth_comp_id 
_struct_conn.ptnr2_auth_seq_id 
_struct_conn.ptnr2_symmetry 
_struct_conn.pdbx_ptnr3_label_atom_id 
_struct_conn.pdbx_ptnr3_label_seq_id 
_struct_conn.pdbx_ptnr3_label_comp_id 
_struct_conn.pdbx_ptnr3_label_asym_id 
_struct_conn.pdbx_ptnr3_label_alt_id 
_struct_conn.pdbx_ptnr3_PDB_ins_code 
_struct_conn.details 
_struct_conn.pdbx_dist_value 
_struct_conn.pdbx_value_order 
_struct_conn.pdbx_role 
metalc1  metalc ? ? A DG 1  O6 ? ? ? 6_565 B K   .  K  ? ? A DG 1  A K   12 1_555 ? ? ? ? ? ? ?           2.691 ? ? 
metalc2  metalc ? ? A DG 2  O6 ? ? ? 6_565 B K   .  K  ? ? A DG 2  A K   12 1_555 ? ? ? ? ? ? ?           3.015 ? ? 
metalc3  metalc ? ? A DG 2  O6 ? ? ? 1_555 C K   .  K  ? ? A DG 2  A K   13 1_555 ? ? ? ? ? ? ?           2.868 ? ? 
metalc4  metalc ? ? A DG 2  O6 ? ? ? 6_565 C K   .  K  ? ? A DG 2  A K   13 1_555 ? ? ? ? ? ? ?           2.782 ? ? 
metalc5  metalc ? ? A DG 3  O6 ? ? ? 1_555 B K   .  K  ? ? A DG 3  A K   12 1_555 ? ? ? ? ? ? ?           2.885 ? ? 
metalc6  metalc ? ? A DG 3  O6 ? ? ? 1_555 C K   .  K  ? ? A DG 3  A K   13 1_555 ? ? ? ? ? ? ?           2.690 ? ? 
metalc7  metalc ? ? A DG 3  O6 ? ? ? 6_565 C K   .  K  ? ? A DG 3  A K   13 1_555 ? ? ? ? ? ? ?           3.075 ? ? 
metalc8  metalc ? ? A DG 4  O6 ? ? ? 1_555 B K   .  K  ? ? A DG 4  A K   12 1_555 ? ? ? ? ? ? ?           2.731 ? ? 
metalc9  metalc ? ? A DG 8  O6 ? ? ? 1_555 B K   .  K  ? ? A DG 8  A K   12 1_555 ? ? ? ? ? ? ?           2.797 ? ? 
metalc10 metalc ? ? A DG 8  N2 ? ? ? 6_565 E K   .  K  ? ? A DG 8  A K   15 1_555 ? ? ? ? ? ? ?           3.700 ? ? 
metalc11 metalc ? ? A DG 9  O6 ? ? ? 1_555 B K   .  K  ? ? A DG 9  A K   12 1_555 ? ? ? ? ? ? ?           2.908 ? ? 
metalc12 metalc ? ? A DG 9  O6 ? ? ? 1_555 C K   .  K  ? ? A DG 9  A K   13 1_555 ? ? ? ? ? ? ?           2.759 ? ? 
metalc13 metalc ? ? A DG 9  O6 ? ? ? 6_565 C K   .  K  ? ? A DG 9  A K   13 1_555 ? ? ? ? ? ? ?           2.957 ? ? 
metalc14 metalc ? ? A DG 10 O6 ? ? ? 6_565 B K   .  K  ? ? A DG 10 A K   12 1_555 ? ? ? ? ? ? ?           3.081 ? ? 
metalc15 metalc ? ? A DG 10 O6 ? ? ? 1_555 C K   .  K  ? ? A DG 10 A K   13 1_555 ? ? ? ? ? ? ?           2.858 ? ? 
metalc16 metalc ? ? A DG 10 O6 ? ? ? 6_565 C K   .  K  ? ? A DG 10 A K   13 1_555 ? ? ? ? ? ? ?           2.950 ? ? 
metalc17 metalc ? ? A DG 10 N2 ? ? ? 1_555 E K   .  K  ? ? A DG 10 A K   15 1_555 ? ? ? ? ? ? ?           3.681 ? ? 
metalc18 metalc ? ? A DG 11 O6 ? ? ? 6_565 B K   .  K  ? ? A DG 11 A K   12 1_555 ? ? ? ? ? ? ?           2.679 ? ? 
metalc19 metalc ? ? B K  .  K  ? ? ? 1_555 C K   .  K  ? ? A K  12 A K   13 1_555 ? ? ? ? ? ? ?           3.311 ? ? 
metalc20 metalc ? ? B K  .  K  ? ? ? 1_555 C K   .  K  ? ? A K  12 A K   13 6_565 ? ? ? ? ? ? ?           3.579 ? ? 
metalc21 metalc ? ? D K  .  K  ? ? ? 1_555 F HOH .  O  ? ? A K  14 A HOH 55 1_555 ? ? ? ? ? ? ?           2.779 ? ? 
metalc22 metalc ? ? D K  .  K  ? ? ? 1_555 F HOH .  O  ? ? A K  14 A HOH 55 4_575 ? ? ? ? ? ? ?           3.646 ? ? 
metalc23 metalc ? ? E K  .  K  ? ? ? 1_555 F HOH .  O  ? ? A K  15 A HOH 25 6_565 ? ? ? ? ? ? ?           2.670 ? ? 
hydrog1  hydrog ? ? A DG 1  N7 ? ? ? 1_555 A DG  11 N2 ? ? A DG 1  A DG  11 1_555 ? ? ? ? ? ? TYPE_6_PAIR ?     ? ? 
hydrog2  hydrog ? ? A DG 1  O6 ? ? ? 1_555 A DG  11 N1 ? ? A DG 1  A DG  11 1_555 ? ? ? ? ? ? TYPE_6_PAIR ?     ? ? 
hydrog3  hydrog ? ? A DG 2  N1 ? ? ? 1_555 A DG  10 O6 ? ? A DG 2  A DG  10 1_555 ? ? ? ? ? ? TYPE_6_PAIR ?     ? ? 
hydrog4  hydrog ? ? A DG 2  N2 ? ? ? 1_555 A DG  10 N7 ? ? A DG 2  A DG  10 1_555 ? ? ? ? ? ? TYPE_6_PAIR ?     ? ? 
hydrog5  hydrog ? ? A DG 3  N7 ? ? ? 1_555 A DG  9  N2 ? ? A DG 3  A DG  9  1_555 ? ? ? ? ? ? TYPE_6_PAIR ?     ? ? 
hydrog6  hydrog ? ? A DG 3  O6 ? ? ? 1_555 A DG  9  N1 ? ? A DG 3  A DG  9  1_555 ? ? ? ? ? ? TYPE_6_PAIR ?     ? ? 
hydrog7  hydrog ? ? A DG 4  N1 ? ? ? 1_555 A DG  8  O6 ? ? A DG 4  A DG  8  1_555 ? ? ? ? ? ? TYPE_6_PAIR ?     ? ? 
hydrog8  hydrog ? ? A DG 4  N2 ? ? ? 1_555 A DG  8  N7 ? ? A DG 4  A DG  8  1_555 ? ? ? ? ? ? TYPE_6_PAIR ?     ? ? 
# 
loop_
_struct_conn_type.id 
_struct_conn_type.criteria 
_struct_conn_type.reference 
metalc ? ? 
hydrog ? ? 
# 
loop_
_pdbx_struct_conn_angle.id 
_pdbx_struct_conn_angle.ptnr1_label_atom_id 
_pdbx_struct_conn_angle.ptnr1_label_alt_id 
_pdbx_struct_conn_angle.ptnr1_label_asym_id 
_pdbx_struct_conn_angle.ptnr1_label_comp_id 
_pdbx_struct_conn_angle.ptnr1_label_seq_id 
_pdbx_struct_conn_angle.ptnr1_auth_atom_id 
_pdbx_struct_conn_angle.ptnr1_auth_asym_id 
_pdbx_struct_conn_angle.ptnr1_auth_comp_id 
_pdbx_struct_conn_angle.ptnr1_auth_seq_id 
_pdbx_struct_conn_angle.ptnr1_PDB_ins_code 
_pdbx_struct_conn_angle.ptnr1_symmetry 
_pdbx_struct_conn_angle.ptnr2_label_atom_id 
_pdbx_struct_conn_angle.ptnr2_label_alt_id 
_pdbx_struct_conn_angle.ptnr2_label_asym_id 
_pdbx_struct_conn_angle.ptnr2_label_comp_id 
_pdbx_struct_conn_angle.ptnr2_label_seq_id 
_pdbx_struct_conn_angle.ptnr2_auth_atom_id 
_pdbx_struct_conn_angle.ptnr2_auth_asym_id 
_pdbx_struct_conn_angle.ptnr2_auth_comp_id 
_pdbx_struct_conn_angle.ptnr2_auth_seq_id 
_pdbx_struct_conn_angle.ptnr2_PDB_ins_code 
_pdbx_struct_conn_angle.ptnr2_symmetry 
_pdbx_struct_conn_angle.ptnr3_label_atom_id 
_pdbx_struct_conn_angle.ptnr3_label_alt_id 
_pdbx_struct_conn_angle.ptnr3_label_asym_id 
_pdbx_struct_conn_angle.ptnr3_label_comp_id 
_pdbx_struct_conn_angle.ptnr3_label_seq_id 
_pdbx_struct_conn_angle.ptnr3_auth_atom_id 
_pdbx_struct_conn_angle.ptnr3_auth_asym_id 
_pdbx_struct_conn_angle.ptnr3_auth_comp_id 
_pdbx_struct_conn_angle.ptnr3_auth_seq_id 
_pdbx_struct_conn_angle.ptnr3_PDB_ins_code 
_pdbx_struct_conn_angle.ptnr3_symmetry 
_pdbx_struct_conn_angle.value 
_pdbx_struct_conn_angle.value_esd 
1  O6 ? A DG  1  ? A DG  1  ? 6_565 K ? B K . ? A K 12 ? 1_555 O6 ? A DG  2  ? A DG  2  ? 6_565 69.9  ? 
2  O6 ? A DG  1  ? A DG  1  ? 6_565 K ? B K . ? A K 12 ? 1_555 O6 ? A DG  3  ? A DG  3  ? 1_555 116.3 ? 
3  O6 ? A DG  2  ? A DG  2  ? 6_565 K ? B K . ? A K 12 ? 1_555 O6 ? A DG  3  ? A DG  3  ? 1_555 67.9  ? 
4  O6 ? A DG  1  ? A DG  1  ? 6_565 K ? B K . ? A K 12 ? 1_555 O6 ? A DG  4  ? A DG  4  ? 1_555 74.3  ? 
5  O6 ? A DG  2  ? A DG  2  ? 6_565 K ? B K . ? A K 12 ? 1_555 O6 ? A DG  4  ? A DG  4  ? 1_555 104.6 ? 
6  O6 ? A DG  3  ? A DG  3  ? 1_555 K ? B K . ? A K 12 ? 1_555 O6 ? A DG  4  ? A DG  4  ? 1_555 72.8  ? 
7  O6 ? A DG  1  ? A DG  1  ? 6_565 K ? B K . ? A K 12 ? 1_555 O6 ? A DG  8  ? A DG  8  ? 1_555 117.4 ? 
8  O6 ? A DG  2  ? A DG  2  ? 6_565 K ? B K . ? A K 12 ? 1_555 O6 ? A DG  8  ? A DG  8  ? 1_555 169.2 ? 
9  O6 ? A DG  3  ? A DG  3  ? 1_555 K ? B K . ? A K 12 ? 1_555 O6 ? A DG  8  ? A DG  8  ? 1_555 101.3 ? 
10 O6 ? A DG  4  ? A DG  4  ? 1_555 K ? B K . ? A K 12 ? 1_555 O6 ? A DG  8  ? A DG  8  ? 1_555 71.6  ? 
11 O6 ? A DG  1  ? A DG  1  ? 6_565 K ? B K . ? A K 12 ? 1_555 O6 ? A DG  9  ? A DG  9  ? 1_555 164.3 ? 
12 O6 ? A DG  2  ? A DG  2  ? 6_565 K ? B K . ? A K 12 ? 1_555 O6 ? A DG  9  ? A DG  9  ? 1_555 103.7 ? 
13 O6 ? A DG  3  ? A DG  3  ? 1_555 K ? B K . ? A K 12 ? 1_555 O6 ? A DG  9  ? A DG  9  ? 1_555 72.1  ? 
14 O6 ? A DG  4  ? A DG  4  ? 1_555 K ? B K . ? A K 12 ? 1_555 O6 ? A DG  9  ? A DG  9  ? 1_555 121.4 ? 
15 O6 ? A DG  8  ? A DG  8  ? 1_555 K ? B K . ? A K 12 ? 1_555 O6 ? A DG  9  ? A DG  9  ? 1_555 71.2  ? 
16 O6 ? A DG  1  ? A DG  1  ? 6_565 K ? B K . ? A K 12 ? 1_555 O6 ? A DG  10 ? A DG  10 ? 6_565 99.0  ? 
17 O6 ? A DG  2  ? A DG  2  ? 6_565 K ? B K . ? A K 12 ? 1_555 O6 ? A DG  10 ? A DG  10 ? 6_565 67.1  ? 
18 O6 ? A DG  3  ? A DG  3  ? 1_555 K ? B K . ? A K 12 ? 1_555 O6 ? A DG  10 ? A DG  10 ? 6_565 105.7 ? 
19 O6 ? A DG  4  ? A DG  4  ? 1_555 K ? B K . ? A K 12 ? 1_555 O6 ? A DG  10 ? A DG  10 ? 6_565 171.0 ? 
20 O6 ? A DG  8  ? A DG  8  ? 1_555 K ? B K . ? A K 12 ? 1_555 O6 ? A DG  10 ? A DG  10 ? 6_565 117.2 ? 
21 O6 ? A DG  9  ? A DG  9  ? 1_555 K ? B K . ? A K 12 ? 1_555 O6 ? A DG  10 ? A DG  10 ? 6_565 65.4  ? 
22 O6 ? A DG  1  ? A DG  1  ? 6_565 K ? B K . ? A K 12 ? 1_555 O6 ? A DG  11 ? A DG  11 ? 6_565 76.0  ? 
23 O6 ? A DG  2  ? A DG  2  ? 6_565 K ? B K . ? A K 12 ? 1_555 O6 ? A DG  11 ? A DG  11 ? 6_565 115.6 ? 
24 O6 ? A DG  3  ? A DG  3  ? 1_555 K ? B K . ? A K 12 ? 1_555 O6 ? A DG  11 ? A DG  11 ? 6_565 167.0 ? 
25 O6 ? A DG  4  ? A DG  4  ? 1_555 K ? B K . ? A K 12 ? 1_555 O6 ? A DG  11 ? A DG  11 ? 6_565 116.5 ? 
26 O6 ? A DG  8  ? A DG  8  ? 1_555 K ? B K . ? A K 12 ? 1_555 O6 ? A DG  11 ? A DG  11 ? 6_565 74.8  ? 
27 O6 ? A DG  9  ? A DG  9  ? 1_555 K ? B K . ? A K 12 ? 1_555 O6 ? A DG  11 ? A DG  11 ? 6_565 94.9  ? 
28 O6 ? A DG  10 ? A DG  10 ? 6_565 K ? B K . ? A K 12 ? 1_555 O6 ? A DG  11 ? A DG  11 ? 6_565 66.5  ? 
29 O6 ? A DG  1  ? A DG  1  ? 6_565 K ? B K . ? A K 12 ? 1_555 K  ? C K   .  ? A K   13 ? 1_555 121.4 ? 
30 O6 ? A DG  2  ? A DG  2  ? 6_565 K ? B K . ? A K 12 ? 1_555 K  ? C K   .  ? A K   13 ? 1_555 51.9  ? 
31 O6 ? A DG  3  ? A DG  3  ? 1_555 K ? B K . ? A K 12 ? 1_555 K  ? C K   .  ? A K   13 ? 1_555 50.9  ? 
32 O6 ? A DG  4  ? A DG  4  ? 1_555 K ? B K . ? A K 12 ? 1_555 K  ? C K   .  ? A K   13 ? 1_555 123.3 ? 
33 O6 ? A DG  8  ? A DG  8  ? 1_555 K ? B K . ? A K 12 ? 1_555 K  ? C K   .  ? A K   13 ? 1_555 121.2 ? 
34 O6 ? A DG  9  ? A DG  9  ? 1_555 K ? B K . ? A K 12 ? 1_555 K  ? C K   .  ? A K   13 ? 1_555 52.2  ? 
35 O6 ? A DG  10 ? A DG  10 ? 6_565 K ? B K . ? A K 12 ? 1_555 K  ? C K   .  ? A K   13 ? 1_555 54.8  ? 
36 O6 ? A DG  11 ? A DG  11 ? 6_565 K ? B K . ? A K 12 ? 1_555 K  ? C K   .  ? A K   13 ? 1_555 120.1 ? 
37 O6 ? A DG  1  ? A DG  1  ? 6_565 K ? B K . ? A K 12 ? 1_555 K  ? C K   .  ? A K   13 ? 6_565 119.2 ? 
38 O6 ? A DG  2  ? A DG  2  ? 6_565 K ? B K . ? A K 12 ? 1_555 K  ? C K   .  ? A K   13 ? 6_565 50.7  ? 
39 O6 ? A DG  3  ? A DG  3  ? 1_555 K ? B K . ? A K 12 ? 1_555 K  ? C K   .  ? A K   13 ? 6_565 55.6  ? 
40 O6 ? A DG  4  ? A DG  4  ? 1_555 K ? B K . ? A K 12 ? 1_555 K  ? C K   .  ? A K   13 ? 6_565 127.6 ? 
41 O6 ? A DG  8  ? A DG  8  ? 1_555 K ? B K . ? A K 12 ? 1_555 K  ? C K   .  ? A K   13 ? 6_565 123.3 ? 
42 O6 ? A DG  9  ? A DG  9  ? 1_555 K ? B K . ? A K 12 ? 1_555 K  ? C K   .  ? A K   13 ? 6_565 53.0  ? 
43 O6 ? A DG  10 ? A DG  10 ? 6_565 K ? B K . ? A K 12 ? 1_555 K  ? C K   .  ? A K   13 ? 6_565 50.1  ? 
44 O6 ? A DG  11 ? A DG  11 ? 6_565 K ? B K . ? A K 12 ? 1_555 K  ? C K   .  ? A K   13 ? 6_565 115.8 ? 
45 K  ? C K   .  ? A K   13 ? 1_555 K ? B K . ? A K 12 ? 1_555 K  ? C K   .  ? A K   13 ? 6_565 4.8   ? 
46 O6 ? A DG  2  ? A DG  2  ? 1_555 K ? C K . ? A K 13 ? 1_555 O6 ? A DG  2  ? A DG  2  ? 6_565 75.8  ? 
47 O6 ? A DG  2  ? A DG  2  ? 1_555 K ? C K . ? A K 13 ? 1_555 O6 ? A DG  3  ? A DG  3  ? 1_555 92.9  ? 
48 O6 ? A DG  2  ? A DG  2  ? 6_565 K ? C K . ? A K 13 ? 1_555 O6 ? A DG  3  ? A DG  3  ? 1_555 74.0  ? 
49 O6 ? A DG  2  ? A DG  2  ? 1_555 K ? C K . ? A K 13 ? 1_555 O6 ? A DG  3  ? A DG  3  ? 6_565 67.3  ? 
50 O6 ? A DG  2  ? A DG  2  ? 6_565 K ? C K . ? A K 13 ? 1_555 O6 ? A DG  3  ? A DG  3  ? 6_565 86.8  ? 
51 O6 ? A DG  3  ? A DG  3  ? 1_555 K ? C K . ? A K 13 ? 1_555 O6 ? A DG  3  ? A DG  3  ? 6_565 155.5 ? 
52 O6 ? A DG  2  ? A DG  2  ? 1_555 K ? C K . ? A K 13 ? 1_555 O6 ? A DG  9  ? A DG  9  ? 1_555 162.7 ? 
53 O6 ? A DG  2  ? A DG  2  ? 6_565 K ? C K . ? A K 13 ? 1_555 O6 ? A DG  9  ? A DG  9  ? 1_555 114.4 ? 
54 O6 ? A DG  3  ? A DG  3  ? 1_555 K ? C K . ? A K 13 ? 1_555 O6 ? A DG  9  ? A DG  9  ? 1_555 77.5  ? 
55 O6 ? A DG  3  ? A DG  3  ? 6_565 K ? C K . ? A K 13 ? 1_555 O6 ? A DG  9  ? A DG  9  ? 1_555 125.3 ? 
56 O6 ? A DG  2  ? A DG  2  ? 1_555 K ? C K . ? A K 13 ? 1_555 O6 ? A DG  9  ? A DG  9  ? 6_565 106.2 ? 
57 O6 ? A DG  2  ? A DG  2  ? 6_565 K ? C K . ? A K 13 ? 1_555 O6 ? A DG  9  ? A DG  9  ? 6_565 151.5 ? 
58 O6 ? A DG  3  ? A DG  3  ? 1_555 K ? C K . ? A K 13 ? 1_555 O6 ? A DG  9  ? A DG  9  ? 6_565 133.2 ? 
59 O6 ? A DG  3  ? A DG  3  ? 6_565 K ? C K . ? A K 13 ? 1_555 O6 ? A DG  9  ? A DG  9  ? 6_565 68.8  ? 
60 O6 ? A DG  9  ? A DG  9  ? 1_555 K ? C K . ? A K 13 ? 1_555 O6 ? A DG  9  ? A DG  9  ? 6_565 72.0  ? 
61 O6 ? A DG  2  ? A DG  2  ? 1_555 K ? C K . ? A K 13 ? 1_555 O6 ? A DG  10 ? A DG  10 ? 1_555 72.1  ? 
62 O6 ? A DG  2  ? A DG  2  ? 6_565 K ? C K . ? A K 13 ? 1_555 O6 ? A DG  10 ? A DG  10 ? 1_555 136.3 ? 
63 O6 ? A DG  3  ? A DG  3  ? 1_555 K ? C K . ? A K 13 ? 1_555 O6 ? A DG  10 ? A DG  10 ? 1_555 78.9  ? 
64 O6 ? A DG  3  ? A DG  3  ? 6_565 K ? C K . ? A K 13 ? 1_555 O6 ? A DG  10 ? A DG  10 ? 1_555 106.6 ? 
65 O6 ? A DG  9  ? A DG  9  ? 1_555 K ? C K . ? A K 13 ? 1_555 O6 ? A DG  10 ? A DG  10 ? 1_555 91.8  ? 
66 O6 ? A DG  9  ? A DG  9  ? 6_565 K ? C K . ? A K 13 ? 1_555 O6 ? A DG  10 ? A DG  10 ? 1_555 67.7  ? 
67 O6 ? A DG  2  ? A DG  2  ? 1_555 K ? C K . ? A K 13 ? 1_555 O6 ? A DG  10 ? A DG  10 ? 6_565 128.3 ? 
68 O6 ? A DG  2  ? A DG  2  ? 6_565 K ? C K . ? A K 13 ? 1_555 O6 ? A DG  10 ? A DG  10 ? 6_565 71.9  ? 
69 O6 ? A DG  3  ? A DG  3  ? 1_555 K ? C K . ? A K 13 ? 1_555 O6 ? A DG  10 ? A DG  10 ? 6_565 114.9 ? 
70 O6 ? A DG  3  ? A DG  3  ? 6_565 K ? C K . ? A K 13 ? 1_555 O6 ? A DG  10 ? A DG  10 ? 6_565 71.6  ? 
71 O6 ? A DG  9  ? A DG  9  ? 1_555 K ? C K . ? A K 13 ? 1_555 O6 ? A DG  10 ? A DG  10 ? 6_565 69.1  ? 
72 O6 ? A DG  9  ? A DG  9  ? 6_565 K ? C K . ? A K 13 ? 1_555 O6 ? A DG  10 ? A DG  10 ? 6_565 86.1  ? 
73 O6 ? A DG  10 ? A DG  10 ? 1_555 K ? C K . ? A K 13 ? 1_555 O6 ? A DG  10 ? A DG  10 ? 6_565 151.7 ? 
74 N2 ? A DG  8  ? A DG  8  ? 6_565 K ? E K . ? A K 15 ? 1_555 N2 ? A DG  10 ? A DG  10 ? 1_555 53.4  ? 
75 N2 ? A DG  8  ? A DG  8  ? 6_565 K ? E K . ? A K 15 ? 1_555 O  ? F HOH .  ? A HOH 25 ? 6_565 60.2  ? 
76 N2 ? A DG  10 ? A DG  10 ? 1_555 K ? E K . ? A K 15 ? 1_555 O  ? F HOH .  ? A HOH 25 ? 6_565 110.0 ? 
77 O  ? F HOH .  ? A HOH 55 ? 1_555 K ? D K . ? A K 14 ? 1_555 O  ? F HOH .  ? A HOH 55 ? 4_575 10.6  ? 
# 
loop_
_struct_site.id 
_struct_site.pdbx_evidence_code 
_struct_site.pdbx_auth_asym_id 
_struct_site.pdbx_auth_comp_id 
_struct_site.pdbx_auth_seq_id 
_struct_site.pdbx_auth_ins_code 
_struct_site.pdbx_num_residues 
_struct_site.details 
AC1 Software A K 12 ? 10 'BINDING SITE FOR RESIDUE K A 12' 
AC2 Software A K 13 ? 10 'BINDING SITE FOR RESIDUE K A 13' 
AC3 Software A K 14 ? 1  'BINDING SITE FOR RESIDUE K A 14' 
AC4 Software A K 15 ? 2  'BINDING SITE FOR RESIDUE K A 15' 
# 
loop_
_struct_site_gen.id 
_struct_site_gen.site_id 
_struct_site_gen.pdbx_num_res 
_struct_site_gen.label_comp_id 
_struct_site_gen.label_asym_id 
_struct_site_gen.label_seq_id 
_struct_site_gen.pdbx_auth_ins_code 
_struct_site_gen.auth_comp_id 
_struct_site_gen.auth_asym_id 
_struct_site_gen.auth_seq_id 
_struct_site_gen.label_atom_id 
_struct_site_gen.label_alt_id 
_struct_site_gen.symmetry 
_struct_site_gen.details 
1  AC1 10 DG  A 1  ? DG  A 1  . ? 6_565 ? 
2  AC1 10 DG  A 2  ? DG  A 2  . ? 6_565 ? 
3  AC1 10 DG  A 3  ? DG  A 3  . ? 1_555 ? 
4  AC1 10 DG  A 4  ? DG  A 4  . ? 1_555 ? 
5  AC1 10 DG  A 8  ? DG  A 8  . ? 1_555 ? 
6  AC1 10 DG  A 9  ? DG  A 9  . ? 1_555 ? 
7  AC1 10 DG  A 10 ? DG  A 10 . ? 6_565 ? 
8  AC1 10 DG  A 11 ? DG  A 11 . ? 6_565 ? 
9  AC1 10 K   C .  ? K   A 13 . ? 6_565 ? 
10 AC1 10 K   C .  ? K   A 13 . ? 1_555 ? 
11 AC2 10 DG  A 2  ? DG  A 2  . ? 1_555 ? 
12 AC2 10 DG  A 2  ? DG  A 2  . ? 6_565 ? 
13 AC2 10 DG  A 3  ? DG  A 3  . ? 6_565 ? 
14 AC2 10 DG  A 3  ? DG  A 3  . ? 1_555 ? 
15 AC2 10 DG  A 9  ? DG  A 9  . ? 1_555 ? 
16 AC2 10 DG  A 9  ? DG  A 9  . ? 6_565 ? 
17 AC2 10 DG  A 10 ? DG  A 10 . ? 6_565 ? 
18 AC2 10 DG  A 10 ? DG  A 10 . ? 1_555 ? 
19 AC2 10 K   B .  ? K   A 12 . ? 1_555 ? 
20 AC2 10 K   B .  ? K   A 12 . ? 6_565 ? 
21 AC3 1  HOH F .  ? HOH A 55 . ? 1_555 ? 
22 AC4 2  DG  A 10 ? DG  A 10 . ? 1_555 ? 
23 AC4 2  HOH F .  ? HOH A 25 . ? 6_565 ? 
# 
_pdbx_validate_rmsd_angle.id                         1 
_pdbx_validate_rmsd_angle.PDB_model_num              1 
_pdbx_validate_rmsd_angle.auth_atom_id_1             "O4'" 
_pdbx_validate_rmsd_angle.auth_asym_id_1             A 
_pdbx_validate_rmsd_angle.auth_comp_id_1             DG 
_pdbx_validate_rmsd_angle.auth_seq_id_1              9 
_pdbx_validate_rmsd_angle.PDB_ins_code_1             ? 
_pdbx_validate_rmsd_angle.label_alt_id_1             ? 
_pdbx_validate_rmsd_angle.auth_atom_id_2             "C1'" 
_pdbx_validate_rmsd_angle.auth_asym_id_2             A 
_pdbx_validate_rmsd_angle.auth_comp_id_2             DG 
_pdbx_validate_rmsd_angle.auth_seq_id_2              9 
_pdbx_validate_rmsd_angle.PDB_ins_code_2             ? 
_pdbx_validate_rmsd_angle.label_alt_id_2             ? 
_pdbx_validate_rmsd_angle.auth_atom_id_3             N9 
_pdbx_validate_rmsd_angle.auth_asym_id_3             A 
_pdbx_validate_rmsd_angle.auth_comp_id_3             DG 
_pdbx_validate_rmsd_angle.auth_seq_id_3              9 
_pdbx_validate_rmsd_angle.PDB_ins_code_3             ? 
_pdbx_validate_rmsd_angle.label_alt_id_3             ? 
_pdbx_validate_rmsd_angle.angle_value                112.01 
_pdbx_validate_rmsd_angle.angle_target_value         108.30 
_pdbx_validate_rmsd_angle.angle_deviation            3.71 
_pdbx_validate_rmsd_angle.angle_standard_deviation   0.30 
_pdbx_validate_rmsd_angle.linker_flag                N 
# 
loop_
_pdbx_struct_special_symmetry.id 
_pdbx_struct_special_symmetry.PDB_model_num 
_pdbx_struct_special_symmetry.auth_asym_id 
_pdbx_struct_special_symmetry.auth_comp_id 
_pdbx_struct_special_symmetry.auth_seq_id 
_pdbx_struct_special_symmetry.PDB_ins_code 
_pdbx_struct_special_symmetry.label_asym_id 
_pdbx_struct_special_symmetry.label_comp_id 
_pdbx_struct_special_symmetry.label_seq_id 
1 1 A K   13 ? C K   . 
2 1 A HOH 20 ? F HOH . 
# 
_pdbx_phasing_MR.entry_id                     2AVH 
_pdbx_phasing_MR.method_rotation              ? 
_pdbx_phasing_MR.method_translation           ? 
_pdbx_phasing_MR.model_details                ? 
_pdbx_phasing_MR.R_factor                     0.645 
_pdbx_phasing_MR.R_rigid_body                 ? 
_pdbx_phasing_MR.correlation_coeff_Fo_to_Fc   0.232 
_pdbx_phasing_MR.correlation_coeff_Io_to_Ic   ? 
_pdbx_phasing_MR.d_res_high_rotation          ? 
_pdbx_phasing_MR.d_res_low_rotation           ? 
_pdbx_phasing_MR.d_res_high_translation       3.500 
_pdbx_phasing_MR.d_res_low_translation        25.000 
_pdbx_phasing_MR.packing                      ? 
_pdbx_phasing_MR.reflns_percent_rotation      ? 
_pdbx_phasing_MR.reflns_percent_translation   ? 
_pdbx_phasing_MR.sigma_F_rotation             ? 
_pdbx_phasing_MR.sigma_F_translation          ? 
_pdbx_phasing_MR.sigma_I_rotation             ? 
_pdbx_phasing_MR.sigma_I_translation          ? 
# 
loop_
_chem_comp_atom.comp_id 
_chem_comp_atom.atom_id 
_chem_comp_atom.type_symbol 
_chem_comp_atom.pdbx_aromatic_flag 
_chem_comp_atom.pdbx_stereo_config 
_chem_comp_atom.pdbx_ordinal 
DG  OP3    O N N 1  
DG  P      P N N 2  
DG  OP1    O N N 3  
DG  OP2    O N N 4  
DG  "O5'"  O N N 5  
DG  "C5'"  C N N 6  
DG  "C4'"  C N R 7  
DG  "O4'"  O N N 8  
DG  "C3'"  C N S 9  
DG  "O3'"  O N N 10 
DG  "C2'"  C N N 11 
DG  "C1'"  C N R 12 
DG  N9     N Y N 13 
DG  C8     C Y N 14 
DG  N7     N Y N 15 
DG  C5     C Y N 16 
DG  C6     C N N 17 
DG  O6     O N N 18 
DG  N1     N N N 19 
DG  C2     C N N 20 
DG  N2     N N N 21 
DG  N3     N N N 22 
DG  C4     C Y N 23 
DG  HOP3   H N N 24 
DG  HOP2   H N N 25 
DG  "H5'"  H N N 26 
DG  "H5''" H N N 27 
DG  "H4'"  H N N 28 
DG  "H3'"  H N N 29 
DG  "HO3'" H N N 30 
DG  "H2'"  H N N 31 
DG  "H2''" H N N 32 
DG  "H1'"  H N N 33 
DG  H8     H N N 34 
DG  H1     H N N 35 
DG  H21    H N N 36 
DG  H22    H N N 37 
DT  OP3    O N N 38 
DT  P      P N N 39 
DT  OP1    O N N 40 
DT  OP2    O N N 41 
DT  "O5'"  O N N 42 
DT  "C5'"  C N N 43 
DT  "C4'"  C N R 44 
DT  "O4'"  O N N 45 
DT  "C3'"  C N S 46 
DT  "O3'"  O N N 47 
DT  "C2'"  C N N 48 
DT  "C1'"  C N R 49 
DT  N1     N N N 50 
DT  C2     C N N 51 
DT  O2     O N N 52 
DT  N3     N N N 53 
DT  C4     C N N 54 
DT  O4     O N N 55 
DT  C5     C N N 56 
DT  C7     C N N 57 
DT  C6     C N N 58 
DT  HOP3   H N N 59 
DT  HOP2   H N N 60 
DT  "H5'"  H N N 61 
DT  "H5''" H N N 62 
DT  "H4'"  H N N 63 
DT  "H3'"  H N N 64 
DT  "HO3'" H N N 65 
DT  "H2'"  H N N 66 
DT  "H2''" H N N 67 
DT  "H1'"  H N N 68 
DT  H3     H N N 69 
DT  H71    H N N 70 
DT  H72    H N N 71 
DT  H73    H N N 72 
DT  H6     H N N 73 
HOH O      O N N 74 
HOH H1     H N N 75 
HOH H2     H N N 76 
K   K      K N N 77 
# 
loop_
_chem_comp_bond.comp_id 
_chem_comp_bond.atom_id_1 
_chem_comp_bond.atom_id_2 
_chem_comp_bond.value_order 
_chem_comp_bond.pdbx_aromatic_flag 
_chem_comp_bond.pdbx_stereo_config 
_chem_comp_bond.pdbx_ordinal 
DG  OP3   P      sing N N 1  
DG  OP3   HOP3   sing N N 2  
DG  P     OP1    doub N N 3  
DG  P     OP2    sing N N 4  
DG  P     "O5'"  sing N N 5  
DG  OP2   HOP2   sing N N 6  
DG  "O5'" "C5'"  sing N N 7  
DG  "C5'" "C4'"  sing N N 8  
DG  "C5'" "H5'"  sing N N 9  
DG  "C5'" "H5''" sing N N 10 
DG  "C4'" "O4'"  sing N N 11 
DG  "C4'" "C3'"  sing N N 12 
DG  "C4'" "H4'"  sing N N 13 
DG  "O4'" "C1'"  sing N N 14 
DG  "C3'" "O3'"  sing N N 15 
DG  "C3'" "C2'"  sing N N 16 
DG  "C3'" "H3'"  sing N N 17 
DG  "O3'" "HO3'" sing N N 18 
DG  "C2'" "C1'"  sing N N 19 
DG  "C2'" "H2'"  sing N N 20 
DG  "C2'" "H2''" sing N N 21 
DG  "C1'" N9     sing N N 22 
DG  "C1'" "H1'"  sing N N 23 
DG  N9    C8     sing Y N 24 
DG  N9    C4     sing Y N 25 
DG  C8    N7     doub Y N 26 
DG  C8    H8     sing N N 27 
DG  N7    C5     sing Y N 28 
DG  C5    C6     sing N N 29 
DG  C5    C4     doub Y N 30 
DG  C6    O6     doub N N 31 
DG  C6    N1     sing N N 32 
DG  N1    C2     sing N N 33 
DG  N1    H1     sing N N 34 
DG  C2    N2     sing N N 35 
DG  C2    N3     doub N N 36 
DG  N2    H21    sing N N 37 
DG  N2    H22    sing N N 38 
DG  N3    C4     sing N N 39 
DT  OP3   P      sing N N 40 
DT  OP3   HOP3   sing N N 41 
DT  P     OP1    doub N N 42 
DT  P     OP2    sing N N 43 
DT  P     "O5'"  sing N N 44 
DT  OP2   HOP2   sing N N 45 
DT  "O5'" "C5'"  sing N N 46 
DT  "C5'" "C4'"  sing N N 47 
DT  "C5'" "H5'"  sing N N 48 
DT  "C5'" "H5''" sing N N 49 
DT  "C4'" "O4'"  sing N N 50 
DT  "C4'" "C3'"  sing N N 51 
DT  "C4'" "H4'"  sing N N 52 
DT  "O4'" "C1'"  sing N N 53 
DT  "C3'" "O3'"  sing N N 54 
DT  "C3'" "C2'"  sing N N 55 
DT  "C3'" "H3'"  sing N N 56 
DT  "O3'" "HO3'" sing N N 57 
DT  "C2'" "C1'"  sing N N 58 
DT  "C2'" "H2'"  sing N N 59 
DT  "C2'" "H2''" sing N N 60 
DT  "C1'" N1     sing N N 61 
DT  "C1'" "H1'"  sing N N 62 
DT  N1    C2     sing N N 63 
DT  N1    C6     sing N N 64 
DT  C2    O2     doub N N 65 
DT  C2    N3     sing N N 66 
DT  N3    C4     sing N N 67 
DT  N3    H3     sing N N 68 
DT  C4    O4     doub N N 69 
DT  C4    C5     sing N N 70 
DT  C5    C7     sing N N 71 
DT  C5    C6     doub N N 72 
DT  C7    H71    sing N N 73 
DT  C7    H72    sing N N 74 
DT  C7    H73    sing N N 75 
DT  C6    H6     sing N N 76 
HOH O     H1     sing N N 77 
HOH O     H2     sing N N 78 
# 
loop_
_ndb_struct_conf_na.entry_id 
_ndb_struct_conf_na.feature 
2AVH 'double helix'         
2AVH 'hairpin loop'         
2AVH 'mismatched base pair' 
# 
loop_
_ndb_struct_na_base_pair.model_number 
_ndb_struct_na_base_pair.i_label_asym_id 
_ndb_struct_na_base_pair.i_label_comp_id 
_ndb_struct_na_base_pair.i_label_seq_id 
_ndb_struct_na_base_pair.i_symmetry 
_ndb_struct_na_base_pair.j_label_asym_id 
_ndb_struct_na_base_pair.j_label_comp_id 
_ndb_struct_na_base_pair.j_label_seq_id 
_ndb_struct_na_base_pair.j_symmetry 
_ndb_struct_na_base_pair.shear 
_ndb_struct_na_base_pair.stretch 
_ndb_struct_na_base_pair.stagger 
_ndb_struct_na_base_pair.buckle 
_ndb_struct_na_base_pair.propeller 
_ndb_struct_na_base_pair.opening 
_ndb_struct_na_base_pair.pair_number 
_ndb_struct_na_base_pair.pair_name 
_ndb_struct_na_base_pair.i_auth_asym_id 
_ndb_struct_na_base_pair.i_auth_seq_id 
_ndb_struct_na_base_pair.i_PDB_ins_code 
_ndb_struct_na_base_pair.j_auth_asym_id 
_ndb_struct_na_base_pair.j_auth_seq_id 
_ndb_struct_na_base_pair.j_PDB_ins_code 
_ndb_struct_na_base_pair.hbond_type_28 
_ndb_struct_na_base_pair.hbond_type_12 
1 A DG 1 1_555 A DG 11 1_555 -1.659 -3.318 0.900  -31.394 9.060   90.287  1 A_DG1:DG11_A A 1 ? A 11 ? 6 ? 
1 A DG 2 1_555 A DG 10 1_555 1.698  3.540  -0.257 9.947   11.659  -88.288 2 A_DG2:DG10_A A 2 ? A 10 ? 6 ? 
1 A DG 3 1_555 A DG 9  1_555 -1.804 -3.425 0.138  -4.214  -9.864  88.809  3 A_DG3:DG9_A  A 3 ? A 9  ? 6 ? 
1 A DG 4 1_555 A DG 8  1_555 1.613  3.375  -0.641 14.696  -14.174 -90.722 4 A_DG4:DG8_A  A 4 ? A 8  ? 6 ? 
# 
loop_
_ndb_struct_na_base_pair_step.model_number 
_ndb_struct_na_base_pair_step.i_label_asym_id_1 
_ndb_struct_na_base_pair_step.i_label_comp_id_1 
_ndb_struct_na_base_pair_step.i_label_seq_id_1 
_ndb_struct_na_base_pair_step.i_symmetry_1 
_ndb_struct_na_base_pair_step.j_label_asym_id_1 
_ndb_struct_na_base_pair_step.j_label_comp_id_1 
_ndb_struct_na_base_pair_step.j_label_seq_id_1 
_ndb_struct_na_base_pair_step.j_symmetry_1 
_ndb_struct_na_base_pair_step.i_label_asym_id_2 
_ndb_struct_na_base_pair_step.i_label_comp_id_2 
_ndb_struct_na_base_pair_step.i_label_seq_id_2 
_ndb_struct_na_base_pair_step.i_symmetry_2 
_ndb_struct_na_base_pair_step.j_label_asym_id_2 
_ndb_struct_na_base_pair_step.j_label_comp_id_2 
_ndb_struct_na_base_pair_step.j_label_seq_id_2 
_ndb_struct_na_base_pair_step.j_symmetry_2 
_ndb_struct_na_base_pair_step.shift 
_ndb_struct_na_base_pair_step.slide 
_ndb_struct_na_base_pair_step.rise 
_ndb_struct_na_base_pair_step.tilt 
_ndb_struct_na_base_pair_step.roll 
_ndb_struct_na_base_pair_step.twist 
_ndb_struct_na_base_pair_step.x_displacement 
_ndb_struct_na_base_pair_step.y_displacement 
_ndb_struct_na_base_pair_step.helical_rise 
_ndb_struct_na_base_pair_step.inclination 
_ndb_struct_na_base_pair_step.tip 
_ndb_struct_na_base_pair_step.helical_twist 
_ndb_struct_na_base_pair_step.step_number 
_ndb_struct_na_base_pair_step.step_name 
_ndb_struct_na_base_pair_step.i_auth_asym_id_1 
_ndb_struct_na_base_pair_step.i_auth_seq_id_1 
_ndb_struct_na_base_pair_step.i_PDB_ins_code_1 
_ndb_struct_na_base_pair_step.j_auth_asym_id_1 
_ndb_struct_na_base_pair_step.j_auth_seq_id_1 
_ndb_struct_na_base_pair_step.j_PDB_ins_code_1 
_ndb_struct_na_base_pair_step.i_auth_asym_id_2 
_ndb_struct_na_base_pair_step.i_auth_seq_id_2 
_ndb_struct_na_base_pair_step.i_PDB_ins_code_2 
_ndb_struct_na_base_pair_step.j_auth_asym_id_2 
_ndb_struct_na_base_pair_step.j_auth_seq_id_2 
_ndb_struct_na_base_pair_step.j_PDB_ins_code_2 
1 A DG 1 1_555 A DG 11 1_555 A DG 2 1_555 A DG 10 1_555 2.206  3.290  0.761  -87.462  155.182 -150.118 -1.704 1.069 0.275  -77.618 
-43.747 -179.518 1 AA_DG1DG2:DG10DG11_AA A 1 ? A 11 ? A 2 ? A 10 ? 
1 A DG 2 1_555 A DG 10 1_555 A DG 3 1_555 A DG 9  1_555 -1.113 -3.127 -0.111 -133.335 97.988  174.548  -1.562 0.559 -0.155 48.999  
66.674  179.311  2 AA_DG2DG3:DG9DG10_AA  A 2 ? A 10 ? A 3 ? A 9  ? 
1 A DG 3 1_555 A DG 9  1_555 A DG 4 1_555 A DG 8  1_555 2.431  2.570  1.699  -85.558  156.374 -37.131  -1.666 1.007 -0.490 -78.710 
-43.066 -178.341 3 AA_DG3DG4:DG8DG9_AA   A 3 ? A 9  ? A 4 ? A 8  ? 
# 
_pdbx_initial_refinement_model.accession_code   ? 
_pdbx_initial_refinement_model.id               1 
_pdbx_initial_refinement_model.entity_id_list   ? 
_pdbx_initial_refinement_model.type             other 
_pdbx_initial_refinement_model.source_name      ? 
_pdbx_initial_refinement_model.details          'GGGG(+U)TTGGGG chain A (P21)' 
# 
_atom_sites.entry_id                    2AVH 
_atom_sites.fract_transf_matrix[1][1]   -0.01400754 
_atom_sites.fract_transf_matrix[1][2]   -0.02905529 
_atom_sites.fract_transf_matrix[1][3]   -0.00870671 
_atom_sites.fract_transf_matrix[2][1]   -0.01500264 
_atom_sites.fract_transf_matrix[2][2]   0.01274779 
_atom_sites.fract_transf_matrix[2][3]   -0.01840426 
_atom_sites.fract_transf_matrix[3][1]   0.01643019 
_atom_sites.fract_transf_matrix[3][2]   -0.00323587 
_atom_sites.fract_transf_matrix[3][3]   -0.01563477 
_atom_sites.fract_transf_vector[1]      0.393668 
_atom_sites.fract_transf_vector[2]      0.840894 
_atom_sites.fract_transf_vector[3]      0.257448 
# 
loop_
_atom_type.symbol 
C 
K 
N 
O 
P 
# 
loop_
_atom_site.group_PDB 
_atom_site.id 
_atom_site.type_symbol 
_atom_site.label_atom_id 
_atom_site.label_alt_id 
_atom_site.label_comp_id 
_atom_site.label_asym_id 
_atom_site.label_entity_id 
_atom_site.label_seq_id 
_atom_site.pdbx_PDB_ins_code 
_atom_site.Cartn_x 
_atom_site.Cartn_y 
_atom_site.Cartn_z 
_atom_site.occupancy 
_atom_site.B_iso_or_equiv 
_atom_site.pdbx_formal_charge 
_atom_site.auth_seq_id 
_atom_site.auth_comp_id 
_atom_site.auth_asym_id 
_atom_site.auth_atom_id 
_atom_site.pdbx_PDB_model_num 
ATOM   1   O "O5'" . DG  A 1 1  ? -0.562  8.728   10.750  1.00 24.50 ? 1  DG  A "O5'" 1 
ATOM   2   C "C5'" . DG  A 1 1  ? -1.359  9.914   10.743  1.00 23.58 ? 1  DG  A "C5'" 1 
ATOM   3   C "C4'" . DG  A 1 1  ? -2.660  9.755   9.964   1.00 22.53 ? 1  DG  A "C4'" 1 
ATOM   4   O "O4'" . DG  A 1 1  ? -2.375  9.899   8.548   1.00 22.08 ? 1  DG  A "O4'" 1 
ATOM   5   C "C3'" . DG  A 1 1  ? -3.393  8.420   10.124  1.00 22.65 ? 1  DG  A "C3'" 1 
ATOM   6   O "O3'" . DG  A 1 1  ? -4.823  8.587   10.116  1.00 23.50 ? 1  DG  A "O3'" 1 
ATOM   7   C "C2'" . DG  A 1 1  ? -2.922  7.634   8.904   1.00 21.44 ? 1  DG  A "C2'" 1 
ATOM   8   C "C1'" . DG  A 1 1  ? -2.800  8.739   7.863   1.00 19.95 ? 1  DG  A "C1'" 1 
ATOM   9   N N9    . DG  A 1 1  ? -1.847  8.415   6.803   1.00 18.87 ? 1  DG  A N9    1 
ATOM   10  C C8    . DG  A 1 1  ? -2.148  8.226   5.478   1.00 17.90 ? 1  DG  A C8    1 
ATOM   11  N N7    . DG  A 1 1  ? -1.112  7.939   4.742   1.00 17.01 ? 1  DG  A N7    1 
ATOM   12  C C5    . DG  A 1 1  ? -0.059  7.936   5.643   1.00 17.32 ? 1  DG  A C5    1 
ATOM   13  C C6    . DG  A 1 1  ? 1.314   7.688   5.431   1.00 16.70 ? 1  DG  A C6    1 
ATOM   14  O O6    . DG  A 1 1  ? 1.870   7.413   4.364   1.00 16.92 ? 1  DG  A O6    1 
ATOM   15  N N1    . DG  A 1 1  ? 2.075   7.773   6.598   1.00 16.30 ? 1  DG  A N1    1 
ATOM   16  C C2    . DG  A 1 1  ? 1.552   8.074   7.838   1.00 17.59 ? 1  DG  A C2    1 
ATOM   17  N N2    . DG  A 1 1  ? 2.416   8.122   8.862   1.00 17.77 ? 1  DG  A N2    1 
ATOM   18  N N3    . DG  A 1 1  ? 0.262   8.306   8.051   1.00 17.85 ? 1  DG  A N3    1 
ATOM   19  C C4    . DG  A 1 1  ? -0.486  8.225   6.918   1.00 17.98 ? 1  DG  A C4    1 
ATOM   20  P P     . DG  A 1 2  ? -5.820  7.363   10.409  1.00 23.89 ? 2  DG  A P     1 
ATOM   21  O OP1   . DG  A 1 2  ? -7.148  7.954   10.702  1.00 24.62 ? 2  DG  A OP1   1 
ATOM   22  O OP2   . DG  A 1 2  ? -5.188  6.435   11.368  1.00 23.60 ? 2  DG  A OP2   1 
ATOM   23  O "O5'" . DG  A 1 2  ? -5.906  6.575   9.019   1.00 22.60 ? 2  DG  A "O5'" 1 
ATOM   24  C "C5'" . DG  A 1 2  ? -6.457  7.191   7.871   1.00 20.54 ? 2  DG  A "C5'" 1 
ATOM   25  C "C4'" . DG  A 1 2  ? -6.174  6.366   6.627   1.00 19.18 ? 2  DG  A "C4'" 1 
ATOM   26  O "O4'" . DG  A 1 2  ? -4.749  6.333   6.340   1.00 17.62 ? 2  DG  A "O4'" 1 
ATOM   27  C "C3'" . DG  A 1 2  ? -6.637  4.915   6.668   1.00 18.64 ? 2  DG  A "C3'" 1 
ATOM   28  O "O3'" . DG  A 1 2  ? -7.282  4.667   5.426   1.00 19.61 ? 2  DG  A "O3'" 1 
ATOM   29  C "C2'" . DG  A 1 2  ? -5.326  4.142   6.815   1.00 17.67 ? 2  DG  A "C2'" 1 
ATOM   30  C "C1'" . DG  A 1 2  ? -4.450  5.014   5.927   1.00 16.14 ? 2  DG  A "C1'" 1 
ATOM   31  N N9    . DG  A 1 2  ? -3.006  4.810   6.007   1.00 14.57 ? 2  DG  A N9    1 
ATOM   32  C C8    . DG  A 1 2  ? -2.228  4.708   7.137   1.00 14.39 ? 2  DG  A C8    1 
ATOM   33  N N7    . DG  A 1 2  ? -0.961  4.538   6.883   1.00 14.27 ? 2  DG  A N7    1 
ATOM   34  C C5    . DG  A 1 2  ? -0.901  4.530   5.499   1.00 13.16 ? 2  DG  A C5    1 
ATOM   35  C C6    . DG  A 1 2  ? 0.202   4.383   4.638   1.00 13.32 ? 2  DG  A C6    1 
ATOM   36  O O6    . DG  A 1 2  ? 1.392   4.219   4.944   1.00 13.06 ? 2  DG  A O6    1 
ATOM   37  N N1    . DG  A 1 2  ? -0.142  4.419   3.291   1.00 12.84 ? 2  DG  A N1    1 
ATOM   38  C C2    . DG  A 1 2  ? -1.419  4.591   2.820   1.00 13.06 ? 2  DG  A C2    1 
ATOM   39  N N2    . DG  A 1 2  ? -1.559  4.608   1.489   1.00 13.45 ? 2  DG  A N2    1 
ATOM   40  N N3    . DG  A 1 2  ? -2.476  4.736   3.616   1.00 13.58 ? 2  DG  A N3    1 
ATOM   41  C C4    . DG  A 1 2  ? -2.145  4.691   4.936   1.00 14.29 ? 2  DG  A C4    1 
ATOM   42  P P     . DG  A 1 3  ? -8.208  3.399   5.153   1.00 21.01 ? 3  DG  A P     1 
ATOM   43  O OP1   . DG  A 1 3  ? -8.908  3.665   3.882   1.00 21.66 ? 3  DG  A OP1   1 
ATOM   44  O OP2   . DG  A 1 3  ? -9.013  3.115   6.367   1.00 21.52 ? 3  DG  A OP2   1 
ATOM   45  O "O5'" . DG  A 1 3  ? -7.173  2.200   4.953   1.00 20.22 ? 3  DG  A "O5'" 1 
ATOM   46  C "C5'" . DG  A 1 3  ? -6.122  2.299   3.988   1.00 18.88 ? 3  DG  A "C5'" 1 
ATOM   47  C "C4'" . DG  A 1 3  ? -6.524  1.693   2.656   1.00 17.95 ? 3  DG  A "C4'" 1 
ATOM   48  O "O4'" . DG  A 1 3  ? -5.409  1.782   1.731   1.00 17.32 ? 3  DG  A "O4'" 1 
ATOM   49  C "C3'" . DG  A 1 3  ? -6.902  0.221   2.695   1.00 18.31 ? 3  DG  A "C3'" 1 
ATOM   50  O "O3'" . DG  A 1 3  ? -7.891  -0.012  1.698   1.00 19.43 ? 3  DG  A "O3'" 1 
ATOM   51  C "C2'" . DG  A 1 3  ? -5.580  -0.477  2.389   1.00 17.26 ? 3  DG  A "C2'" 1 
ATOM   52  C "C1'" . DG  A 1 3  ? -4.926  0.497   1.413   1.00 15.47 ? 3  DG  A "C1'" 1 
ATOM   53  N N9    . DG  A 1 3  ? -3.465  0.550   1.476   1.00 13.82 ? 3  DG  A N9    1 
ATOM   54  C C8    . DG  A 1 3  ? -2.613  0.428   0.399   1.00 13.07 ? 3  DG  A C8    1 
ATOM   55  N N7    . DG  A 1 3  ? -1.358  0.516   0.720   1.00 12.32 ? 3  DG  A N7    1 
ATOM   56  C C5    . DG  A 1 3  ? -1.381  0.704   2.094   1.00 12.54 ? 3  DG  A C5    1 
ATOM   57  C C6    . DG  A 1 3  ? -0.317  0.865   3.003   1.00 12.30 ? 3  DG  A C6    1 
ATOM   58  O O6    . DG  A 1 3  ? 0.900   0.871   2.757   1.00 12.35 ? 3  DG  A O6    1 
ATOM   59  N N1    . DG  A 1 3  ? -0.728  1.031   4.325   1.00 12.29 ? 3  DG  A N1    1 
ATOM   60  C C2    . DG  A 1 3  ? -2.042  1.042   4.725   1.00 12.76 ? 3  DG  A C2    1 
ATOM   61  N N2    . DG  A 1 3  ? -2.253  1.219   6.040   1.00 13.67 ? 3  DG  A N2    1 
ATOM   62  N N3    . DG  A 1 3  ? -3.061  0.901   3.878   1.00 12.92 ? 3  DG  A N3    1 
ATOM   63  C C4    . DG  A 1 3  ? -2.665  0.732   2.584   1.00 13.27 ? 3  DG  A C4    1 
ATOM   64  P P     . DG  A 1 4  ? -8.570  -1.443  1.500   1.00 20.00 ? 4  DG  A P     1 
ATOM   65  O OP1   . DG  A 1 4  ? -9.860  -1.257  0.797   1.00 21.32 ? 4  DG  A OP1   1 
ATOM   66  O OP2   . DG  A 1 4  ? -8.526  -2.191  2.767   1.00 21.18 ? 4  DG  A OP2   1 
ATOM   67  O "O5'" . DG  A 1 4  ? -7.558  -2.169  0.504   1.00 19.48 ? 4  DG  A "O5'" 1 
ATOM   68  C "C5'" . DG  A 1 4  ? -7.349  -1.710  -0.818  1.00 18.61 ? 4  DG  A "C5'" 1 
ATOM   69  C "C4'" . DG  A 1 4  ? -6.243  -2.543  -1.442  1.00 18.06 ? 4  DG  A "C4'" 1 
ATOM   70  O "O4'" . DG  A 1 4  ? -4.989  -2.233  -0.789  1.00 17.18 ? 4  DG  A "O4'" 1 
ATOM   71  C "C3'" . DG  A 1 4  ? -6.426  -4.055  -1.307  1.00 18.02 ? 4  DG  A "C3'" 1 
ATOM   72  O "O3'" . DG  A 1 4  ? -6.211  -4.658  -2.563  1.00 19.92 ? 4  DG  A "O3'" 1 
ATOM   73  C "C2'" . DG  A 1 4  ? -5.358  -4.499  -0.311  1.00 17.68 ? 4  DG  A "C2'" 1 
ATOM   74  C "C1'" . DG  A 1 4  ? -4.294  -3.435  -0.544  1.00 15.81 ? 4  DG  A "C1'" 1 
ATOM   75  N N9    . DG  A 1 4  ? -3.404  -3.204  0.585   1.00 15.00 ? 4  DG  A N9    1 
ATOM   76  C C8    . DG  A 1 4  ? -3.726  -3.146  1.918   1.00 14.53 ? 4  DG  A C8    1 
ATOM   77  N N7    . DG  A 1 4  ? -2.707  -2.914  2.698   1.00 14.76 ? 4  DG  A N7    1 
ATOM   78  C C5    . DG  A 1 4  ? -1.640  -2.812  1.814   1.00 13.98 ? 4  DG  A C5    1 
ATOM   79  C C6    . DG  A 1 4  ? -0.268  -2.566  2.063   1.00 13.13 ? 4  DG  A C6    1 
ATOM   80  O O6    . DG  A 1 4  ? 0.287   -2.384  3.158   1.00 13.64 ? 4  DG  A O6    1 
ATOM   81  N N1    . DG  A 1 4  ? 0.489   -2.544  0.890   1.00 12.55 ? 4  DG  A N1    1 
ATOM   82  C C2    . DG  A 1 4  ? -0.028  -2.726  -0.375  1.00 12.28 ? 4  DG  A C2    1 
ATOM   83  N N2    . DG  A 1 4  ? 0.840   -2.678  -1.396  1.00 12.83 ? 4  DG  A N2    1 
ATOM   84  N N3    . DG  A 1 4  ? -1.311  -2.951  -0.626  1.00 13.37 ? 4  DG  A N3    1 
ATOM   85  C C4    . DG  A 1 4  ? -2.054  -2.983  0.511   1.00 13.88 ? 4  DG  A C4    1 
ATOM   86  P P     . DT  A 1 5  ? -7.458  -5.104  -3.452  1.00 19.39 ? 5  DT  A P     1 
ATOM   87  O OP1   . DT  A 1 5  ? -8.075  -3.878  -4.010  1.00 20.88 ? 5  DT  A OP1   1 
ATOM   88  O OP2   . DT  A 1 5  ? -8.272  -6.045  -2.655  1.00 20.75 ? 5  DT  A OP2   1 
ATOM   89  O "O5'" . DT  A 1 5  ? -6.749  -5.884  -4.651  1.00 19.84 ? 5  DT  A "O5'" 1 
ATOM   90  C "C5'" . DT  A 1 5  ? -6.090  -7.132  -4.413  1.00 19.05 ? 5  DT  A "C5'" 1 
ATOM   91  C "C4'" . DT  A 1 5  ? -4.669  -7.127  -4.961  1.00 18.45 ? 5  DT  A "C4'" 1 
ATOM   92  O "O4'" . DT  A 1 5  ? -4.635  -6.479  -6.258  1.00 17.60 ? 5  DT  A "O4'" 1 
ATOM   93  C "C3'" . DT  A 1 5  ? -3.627  -6.405  -4.117  1.00 18.52 ? 5  DT  A "C3'" 1 
ATOM   94  O "O3'" . DT  A 1 5  ? -2.371  -7.040  -4.268  1.00 19.43 ? 5  DT  A "O3'" 1 
ATOM   95  C "C2'" . DT  A 1 5  ? -3.549  -5.028  -4.759  1.00 17.80 ? 5  DT  A "C2'" 1 
ATOM   96  C "C1'" . DT  A 1 5  ? -3.698  -5.416  -6.226  1.00 17.38 ? 5  DT  A "C1'" 1 
ATOM   97  N N1    . DT  A 1 5  ? -4.195  -4.306  -7.079  1.00 16.35 ? 5  DT  A N1    1 
ATOM   98  C C2    . DT  A 1 5  ? -3.358  -3.764  -8.035  1.00 16.10 ? 5  DT  A C2    1 
ATOM   99  O O2    . DT  A 1 5  ? -2.217  -4.144  -8.240  1.00 16.38 ? 5  DT  A O2    1 
ATOM   100 N N3    . DT  A 1 5  ? -3.918  -2.746  -8.768  1.00 16.11 ? 5  DT  A N3    1 
ATOM   101 C C4    . DT  A 1 5  ? -5.200  -2.229  -8.631  1.00 16.50 ? 5  DT  A C4    1 
ATOM   102 O O4    . DT  A 1 5  ? -5.599  -1.311  -9.340  1.00 17.99 ? 5  DT  A O4    1 
ATOM   103 C C5    . DT  A 1 5  ? -6.017  -2.844  -7.605  1.00 16.29 ? 5  DT  A C5    1 
ATOM   104 C C7    . DT  A 1 5  ? -7.425  -2.391  -7.348  1.00 15.97 ? 5  DT  A C7    1 
ATOM   105 C C6    . DT  A 1 5  ? -5.481  -3.839  -6.889  1.00 16.61 ? 5  DT  A C6    1 
ATOM   106 P P     . DT  A 1 6  ? -1.825  -8.068  -3.181  1.00 19.91 ? 6  DT  A P     1 
ATOM   107 O OP1   . DT  A 1 6  ? -0.468  -8.447  -3.627  1.00 20.12 ? 6  DT  A OP1   1 
ATOM   108 O OP2   . DT  A 1 6  ? -2.849  -9.114  -2.968  1.00 21.55 ? 6  DT  A OP2   1 
ATOM   109 O "O5'" . DT  A 1 6  ? -1.723  -7.154  -1.874  1.00 20.34 ? 6  DT  A "O5'" 1 
ATOM   110 C "C5'" . DT  A 1 6  ? -0.696  -6.181  -1.765  1.00 20.92 ? 6  DT  A "C5'" 1 
ATOM   111 C "C4'" . DT  A 1 6  ? -0.163  -6.202  -0.351  1.00 21.06 ? 6  DT  A "C4'" 1 
ATOM   112 O "O4'" . DT  A 1 6  ? -1.232  -5.813  0.538   1.00 22.50 ? 6  DT  A "O4'" 1 
ATOM   113 C "C3'" . DT  A 1 6  ? 0.306   -7.574  0.121   1.00 21.32 ? 6  DT  A "C3'" 1 
ATOM   114 O "O3'" . DT  A 1 6  ? 1.633   -7.469  0.575   1.00 19.31 ? 6  DT  A "O3'" 1 
ATOM   115 C "C2'" . DT  A 1 6  ? -0.643  -7.949  1.257   1.00 22.85 ? 6  DT  A "C2'" 1 
ATOM   116 C "C1'" . DT  A 1 6  ? -1.160  -6.594  1.708   1.00 25.11 ? 6  DT  A "C1'" 1 
ATOM   117 N N1    . DT  A 1 6  ? -2.510  -6.629  2.344   1.00 26.96 ? 6  DT  A N1    1 
ATOM   118 C C2    . DT  A 1 6  ? -2.662  -6.109  3.618   1.00 28.13 ? 6  DT  A C2    1 
ATOM   119 O O2    . DT  A 1 6  ? -1.752  -5.618  4.269   1.00 28.91 ? 6  DT  A O2    1 
ATOM   120 N N3    . DT  A 1 6  ? -3.940  -6.184  4.115   1.00 28.80 ? 6  DT  A N3    1 
ATOM   121 C C4    . DT  A 1 6  ? -5.055  -6.714  3.485   1.00 28.97 ? 6  DT  A C4    1 
ATOM   122 O O4    . DT  A 1 6  ? -6.158  -6.727  4.029   1.00 29.01 ? 6  DT  A O4    1 
ATOM   123 C C5    . DT  A 1 6  ? -4.830  -7.242  2.156   1.00 28.54 ? 6  DT  A C5    1 
ATOM   124 C C7    . DT  A 1 6  ? -5.961  -7.844  1.371   1.00 28.91 ? 6  DT  A C7    1 
ATOM   125 C C6    . DT  A 1 6  ? -3.585  -7.175  1.654   1.00 27.82 ? 6  DT  A C6    1 
ATOM   126 P P     . DT  A 1 7  ? 2.573   -8.757  0.617   1.00 18.85 ? 7  DT  A P     1 
ATOM   127 O OP1   . DT  A 1 7  ? 2.614   -9.353  -0.736  1.00 19.99 ? 7  DT  A OP1   1 
ATOM   128 O OP2   . DT  A 1 7  ? 2.159   -9.584  1.770   1.00 19.59 ? 7  DT  A OP2   1 
ATOM   129 O "O5'" . DT  A 1 7  ? 3.989   -8.088  0.912   1.00 18.14 ? 7  DT  A "O5'" 1 
ATOM   130 C "C5'" . DT  A 1 7  ? 4.691   -7.354  -0.089  1.00 17.19 ? 7  DT  A "C5'" 1 
ATOM   131 C "C4'" . DT  A 1 7  ? 6.062   -6.971  0.447   1.00 17.27 ? 7  DT  A "C4'" 1 
ATOM   132 O "O4'" . DT  A 1 7  ? 5.886   -6.184  1.647   1.00 16.28 ? 7  DT  A "O4'" 1 
ATOM   133 C "C3'" . DT  A 1 7  ? 6.984   -8.111  0.872   1.00 17.36 ? 7  DT  A "C3'" 1 
ATOM   134 O "O3'" . DT  A 1 7  ? 8.328   -7.664  0.855   1.00 18.63 ? 7  DT  A "O3'" 1 
ATOM   135 C "C2'" . DT  A 1 7  ? 6.572   -8.346  2.316   1.00 16.73 ? 7  DT  A "C2'" 1 
ATOM   136 C "C1'" . DT  A 1 7  ? 6.320   -6.913  2.780   1.00 16.16 ? 7  DT  A "C1'" 1 
ATOM   137 N N1    . DT  A 1 7  ? 5.294   -6.796  3.856   1.00 15.44 ? 7  DT  A N1    1 
ATOM   138 C C2    . DT  A 1 7  ? 5.602   -7.296  5.103   1.00 15.58 ? 7  DT  A C2    1 
ATOM   139 O O2    . DT  A 1 7  ? 6.663   -7.832  5.356   1.00 16.45 ? 7  DT  A O2    1 
ATOM   140 N N3    . DT  A 1 7  ? 4.613   -7.141  6.040   1.00 16.69 ? 7  DT  A N3    1 
ATOM   141 C C4    . DT  A 1 7  ? 3.375   -6.551  5.852   1.00 16.54 ? 7  DT  A C4    1 
ATOM   142 O O4    . DT  A 1 7  ? 2.558   -6.464  6.765   1.00 18.71 ? 7  DT  A O4    1 
ATOM   143 C C5    . DT  A 1 7  ? 3.116   -6.043  4.522   1.00 16.33 ? 7  DT  A C5    1 
ATOM   144 C C7    . DT  A 1 7  ? 1.810   -5.383  4.187   1.00 16.92 ? 7  DT  A C7    1 
ATOM   145 C C6    . DT  A 1 7  ? 4.078   -6.187  3.600   1.00 15.29 ? 7  DT  A C6    1 
ATOM   146 P P     . DG  A 1 8  ? 9.351   -8.138  -0.275  1.00 19.62 ? 8  DG  A P     1 
ATOM   147 O OP1   . DG  A 1 8  ? 9.096   -9.563  -0.574  1.00 20.00 ? 8  DG  A OP1   1 
ATOM   148 O OP2   . DG  A 1 8  ? 10.697  -7.690  0.157   1.00 20.59 ? 8  DG  A OP2   1 
ATOM   149 O "O5'" . DG  A 1 8  ? 8.903   -7.304  -1.561  1.00 19.28 ? 8  DG  A "O5'" 1 
ATOM   150 C "C5'" . DG  A 1 8  ? 9.359   -5.990  -1.742  1.00 17.96 ? 8  DG  A "C5'" 1 
ATOM   151 C "C4'" . DG  A 1 8  ? 8.677   -5.385  -2.948  1.00 16.03 ? 8  DG  A "C4'" 1 
ATOM   152 O "O4'" . DG  A 1 8  ? 7.251   -5.273  -2.702  1.00 15.17 ? 8  DG  A "O4'" 1 
ATOM   153 C "C3'" . DG  A 1 8  ? 9.173   -3.990  -3.296  1.00 16.13 ? 8  DG  A "C3'" 1 
ATOM   154 O "O3'" . DG  A 1 8  ? 9.193   -3.848  -4.707  1.00 16.79 ? 8  DG  A "O3'" 1 
ATOM   155 C "C2'" . DG  A 1 8  ? 8.125   -3.092  -2.655  1.00 14.87 ? 8  DG  A "C2'" 1 
ATOM   156 C "C1'" . DG  A 1 8  ? 6.866   -3.922  -2.862  1.00 13.83 ? 8  DG  A "C1'" 1 
ATOM   157 N N9    . DG  A 1 8  ? 5.778   -3.615  -1.930  1.00 12.41 ? 8  DG  A N9    1 
ATOM   158 C C8    . DG  A 1 8  ? 4.472   -3.394  -2.283  1.00 11.10 ? 8  DG  A C8    1 
ATOM   159 N N7    . DG  A 1 8  ? 3.692   -3.144  -1.272  1.00 10.79 ? 8  DG  A N7    1 
ATOM   160 C C5    . DG  A 1 8  ? 4.536   -3.209  -0.173  1.00 10.96 ? 8  DG  A C5    1 
ATOM   161 C C6    . DG  A 1 8  ? 4.255   -3.024  1.202   1.00 10.98 ? 8  DG  A C6    1 
ATOM   162 O O6    . DG  A 1 8  ? 3.162   -2.755  1.723   1.00 11.66 ? 8  DG  A O6    1 
ATOM   163 N N1    . DG  A 1 8  ? 5.386   -3.171  2.010   1.00 10.95 ? 8  DG  A N1    1 
ATOM   164 C C2    . DG  A 1 8  ? 6.643   -3.471  1.530   1.00 10.72 ? 8  DG  A C2    1 
ATOM   165 N N2    . DG  A 1 8  ? 7.626   -3.587  2.434   1.00 10.77 ? 8  DG  A N2    1 
ATOM   166 N N3    . DG  A 1 8  ? 6.919   -3.643  0.243   1.00 10.79 ? 8  DG  A N3    1 
ATOM   167 C C4    . DG  A 1 8  ? 5.828   -3.498  -0.556  1.00 11.22 ? 8  DG  A C4    1 
ATOM   168 P P     . DG  A 1 9  ? 9.693   -2.498  -5.402  1.00 17.71 ? 9  DG  A P     1 
ATOM   169 O OP1   . DG  A 1 9  ? 10.039  -2.845  -6.801  1.00 19.58 ? 9  DG  A OP1   1 
ATOM   170 O OP2   . DG  A 1 9  ? 10.711  -1.870  -4.541  1.00 17.09 ? 9  DG  A OP2   1 
ATOM   171 O "O5'" . DG  A 1 9  ? 8.394   -1.562  -5.397  1.00 16.91 ? 9  DG  A "O5'" 1 
ATOM   172 C "C5'" . DG  A 1 9  ? 7.215   -1.967  -6.067  1.00 16.29 ? 9  DG  A "C5'" 1 
ATOM   173 C "C4'" . DG  A 1 9  ? 6.044   -1.085  -5.684  1.00 15.65 ? 9  DG  A "C4'" 1 
ATOM   174 O "O4'" . DG  A 1 9  ? 5.698   -1.262  -4.283  1.00 14.32 ? 9  DG  A "O4'" 1 
ATOM   175 C "C3'" . DG  A 1 9  ? 6.253   0.410   -5.897  1.00 15.84 ? 9  DG  A "C3'" 1 
ATOM   176 O "O3'" . DG  A 1 9  ? 5.079   0.870   -6.537  1.00 16.74 ? 9  DG  A "O3'" 1 
ATOM   177 C "C2'" . DG  A 1 9  ? 6.372   0.942   -4.474  1.00 14.66 ? 9  DG  A "C2'" 1 
ATOM   178 C "C1'" . DG  A 1 9  ? 5.384   0.020   -3.778  1.00 12.84 ? 9  DG  A "C1'" 1 
ATOM   179 N N9    . DG  A 1 9  ? 5.435   0.061   -2.320  1.00 10.39 ? 9  DG  A N9    1 
ATOM   180 C C8    . DG  A 1 9  ? 6.533   -0.049  -1.491  1.00 10.10 ? 9  DG  A C8    1 
ATOM   181 N N7    . DG  A 1 9  ? 6.233   0.038   -0.225  1.00 9.56  ? 9  DG  A N7    1 
ATOM   182 C C5    . DG  A 1 9  ? 4.857   0.208   -0.224  1.00 9.80  ? 9  DG  A C5    1 
ATOM   183 C C6    . DG  A 1 9  ? 3.953   0.363   0.848   1.00 10.16 ? 9  DG  A C6    1 
ATOM   184 O O6    . DG  A 1 9  ? 4.203   0.382   2.060   1.00 10.90 ? 9  DG  A O6    1 
ATOM   185 N N1    . DG  A 1 9  ? 2.627   0.515   0.442   1.00 10.01 ? 9  DG  A N1    1 
ATOM   186 C C2    . DG  A 1 9  ? 2.218   0.524   -0.870  1.00 9.32  ? 9  DG  A C2    1 
ATOM   187 N N2    . DG  A 1 9  ? 0.911   0.684   -1.094  1.00 10.16 ? 9  DG  A N2    1 
ATOM   188 N N3    . DG  A 1 9  ? 3.056   0.379   -1.896  1.00 9.80  ? 9  DG  A N3    1 
ATOM   189 C C4    . DG  A 1 9  ? 4.345   0.225   -1.498  1.00 9.83  ? 9  DG  A C4    1 
ATOM   190 P P     . DG  A 1 10 ? 4.956   2.227   -7.377  1.00 19.17 ? 10 DG  A P     1 
ATOM   191 O OP1   . DG  A 1 10 ? 3.714   2.099   -8.168  1.00 20.24 ? 10 DG  A OP1   1 
ATOM   192 O OP2   . DG  A 1 10 ? 6.230   2.505   -8.073  1.00 19.60 ? 10 DG  A OP2   1 
ATOM   193 O "O5'" . DG  A 1 10 ? 4.719   3.338   -6.259  1.00 17.62 ? 10 DG  A "O5'" 1 
ATOM   194 C "C5'" . DG  A 1 10 ? 3.603   3.206   -5.373  1.00 15.33 ? 10 DG  A "C5'" 1 
ATOM   195 C "C4'" . DG  A 1 10 ? 2.452   4.117   -5.753  1.00 13.65 ? 10 DG  A "C4'" 1 
ATOM   196 O "O4'" . DG  A 1 10 ? 1.468   4.066   -4.689  1.00 13.28 ? 10 DG  A "O4'" 1 
ATOM   197 C "C3'" . DG  A 1 10 ? 2.802   5.591   -5.914  1.00 14.17 ? 10 DG  A "C3'" 1 
ATOM   198 O "O3'" . DG  A 1 10 ? 1.890   6.209   -6.827  1.00 15.04 ? 10 DG  A "O3'" 1 
ATOM   199 C "C2'" . DG  A 1 10 ? 2.629   6.115   -4.497  1.00 13.07 ? 10 DG  A "C2'" 1 
ATOM   200 C "C1'" . DG  A 1 10 ? 1.416   5.315   -4.029  1.00 12.11 ? 10 DG  A "C1'" 1 
ATOM   201 N N9    . DG  A 1 10 ? 1.380   5.062   -2.592  1.00 10.95 ? 10 DG  A N9    1 
ATOM   202 C C8    . DG  A 1 10 ? 0.301   5.277   -1.762  1.00 10.49 ? 10 DG  A C8    1 
ATOM   203 N N7    . DG  A 1 10 ? 0.526   4.964   -0.520  1.00 10.46 ? 10 DG  A N7    1 
ATOM   204 C C5    . DG  A 1 10 ? 1.839   4.512   -0.534  1.00 9.81  ? 10 DG  A C5    1 
ATOM   205 C C6    . DG  A 1 10 ? 2.637   4.041   0.526   1.00 10.03 ? 10 DG  A C6    1 
ATOM   206 O O6    . DG  A 1 10 ? 2.316   3.929   1.718   1.00 10.59 ? 10 DG  A O6    1 
ATOM   207 N N1    . DG  A 1 10 ? 3.915   3.669   0.129   1.00 9.40  ? 10 DG  A N1    1 
ATOM   208 C C2    . DG  A 1 10 ? 4.374   3.753   -1.164  1.00 10.16 ? 10 DG  A C2    1 
ATOM   209 N N2    . DG  A 1 10 ? 5.633   3.360   -1.386  1.00 9.96  ? 10 DG  A N2    1 
ATOM   210 N N3    . DG  A 1 10 ? 3.637   4.200   -2.171  1.00 10.14 ? 10 DG  A N3    1 
ATOM   211 C C4    . DG  A 1 10 ? 2.383   4.554   -1.791  1.00 10.17 ? 10 DG  A C4    1 
ATOM   212 P P     . DG  A 1 11 ? 2.133   7.696   -7.380  1.00 16.06 ? 11 DG  A P     1 
ATOM   213 O OP1   . DG  A 1 11 ? 1.388   7.792   -8.658  1.00 17.97 ? 11 DG  A OP1   1 
ATOM   214 O OP2   . DG  A 1 11 ? 3.575   8.004   -7.330  1.00 16.77 ? 11 DG  A OP2   1 
ATOM   215 O "O5'" . DG  A 1 11 ? 1.423   8.620   -6.290  1.00 15.40 ? 11 DG  A "O5'" 1 
ATOM   216 C "C5'" . DG  A 1 11 ? 0.013   8.711   -6.198  1.00 14.77 ? 11 DG  A "C5'" 1 
ATOM   217 C "C4'" . DG  A 1 11 ? -0.388  9.558   -5.008  1.00 14.20 ? 11 DG  A "C4'" 1 
ATOM   218 O "O4'" . DG  A 1 11 ? 0.001   8.862   -3.796  1.00 14.54 ? 11 DG  A "O4'" 1 
ATOM   219 C "C3'" . DG  A 1 11 ? 0.273   10.939  -4.950  1.00 14.38 ? 11 DG  A "C3'" 1 
ATOM   220 O "O3'" . DG  A 1 11 ? -0.684  11.946  -4.656  1.00 15.40 ? 11 DG  A "O3'" 1 
ATOM   221 C "C2'" . DG  A 1 11 ? 1.304   10.809  -3.837  1.00 14.49 ? 11 DG  A "C2'" 1 
ATOM   222 C "C1'" . DG  A 1 11 ? 0.634   9.779   -2.935  1.00 13.56 ? 11 DG  A "C1'" 1 
ATOM   223 N N9    . DG  A 1 11 ? 1.557   9.055   -2.068  1.00 13.12 ? 11 DG  A N9    1 
ATOM   224 C C8    . DG  A 1 11 ? 2.840   8.654   -2.355  1.00 13.13 ? 11 DG  A C8    1 
ATOM   225 N N7    . DG  A 1 11 ? 3.414   8.027   -1.366  1.00 11.31 ? 11 DG  A N7    1 
ATOM   226 C C5    . DG  A 1 11 ? 2.448   8.024   -0.370  1.00 12.14 ? 11 DG  A C5    1 
ATOM   227 C C6    . DG  A 1 11 ? 2.484   7.491   0.936   1.00 11.66 ? 11 DG  A C6    1 
ATOM   228 O O6    . DG  A 1 11 ? 3.418   6.900   1.488   1.00 12.05 ? 11 DG  A O6    1 
ATOM   229 N N1    . DG  A 1 11 ? 1.301   7.690   1.642   1.00 12.69 ? 11 DG  A N1    1 
ATOM   230 C C2    . DG  A 1 11 ? 0.197   8.330   1.136   1.00 12.83 ? 11 DG  A C2    1 
ATOM   231 N N2    . DG  A 1 11 ? -0.858  8.427   1.957   1.00 14.21 ? 11 DG  A N2    1 
ATOM   232 N N3    . DG  A 1 11 ? 0.146   8.837   -0.088  1.00 13.61 ? 11 DG  A N3    1 
ATOM   233 C C4    . DG  A 1 11 ? 1.298   8.648   -0.785  1.00 12.87 ? 11 DG  A C4    1 
HETATM 234 K K     . K   B 2 .  ? 2.592   -1.146  3.939   1.00 11.91 ? 12 K   A K     1 
HETATM 235 K K     . K   C 2 .  ? 3.018   2.136   3.829   0.50 7.83  ? 13 K   A K     1 
HETATM 236 K K     . K   D 2 .  ? -5.748  10.165  4.850   1.00 36.39 ? 14 K   A K     1 
HETATM 237 K K     . K   E 2 .  ? 7.541   4.756   -4.207  1.00 24.18 ? 15 K   A K     1 
HETATM 238 O O     . HOH F 3 .  ? 0.304   -11.436 2.453   1.00 19.77 ? 16 HOH A O     1 
HETATM 239 O O     . HOH F 3 .  ? -7.547  -10.504 -2.496  1.00 31.56 ? 17 HOH A O     1 
HETATM 240 O O     . HOH F 3 .  ? -0.384  6.000   11.378  1.00 22.99 ? 18 HOH A O     1 
HETATM 241 O O     . HOH F 3 .  ? -9.839  -1.748  5.050   1.00 27.48 ? 19 HOH A O     1 
HETATM 242 O O     . HOH F 3 .  ? -10.615 1.206   0.849   0.50 25.88 ? 20 HOH A O     1 
HETATM 243 O O     . HOH F 3 .  ? 9.965   -0.369  -2.255  1.00 23.04 ? 21 HOH A O     1 
HETATM 244 O O     . HOH F 3 .  ? 5.609   -7.303  -3.437  1.00 24.73 ? 22 HOH A O     1 
HETATM 245 O O     . HOH F 3 .  ? -4.625  -0.086  -11.908 1.00 19.62 ? 23 HOH A O     1 
HETATM 246 O O     . HOH F 3 .  ? 8.227   -4.669  -8.346  1.00 28.60 ? 24 HOH A O     1 
HETATM 247 O O     . HOH F 3 .  ? 10.572  -4.998  1.854   1.00 24.91 ? 25 HOH A O     1 
HETATM 248 O O     . HOH F 3 .  ? -2.401  -1.346  -2.867  1.00 24.04 ? 26 HOH A O     1 
HETATM 249 O O     . HOH F 3 .  ? 5.421   -8.397  8.385   0.50 18.08 ? 27 HOH A O     1 
HETATM 250 O O     . HOH F 3 .  ? 2.066   10.438  -11.401 1.00 29.24 ? 28 HOH A O     1 
HETATM 251 O O     . HOH F 3 .  ? 0.086   -6.112  -5.992  1.00 38.09 ? 29 HOH A O     1 
HETATM 252 O O     . HOH F 3 .  ? 0.323   5.486   -9.647  1.00 40.10 ? 30 HOH A O     1 
HETATM 253 O O     . HOH F 3 .  ? 2.159   3.686   -9.633  1.00 33.21 ? 31 HOH A O     1 
HETATM 254 O O     . HOH F 3 .  ? -2.455  -1.802  -11.024 1.00 24.66 ? 32 HOH A O     1 
HETATM 255 O O     . HOH F 3 .  ? -0.128  -1.686  -7.818  1.00 38.95 ? 33 HOH A O     1 
HETATM 256 O O     . HOH F 3 .  ? -2.487  -1.495  -5.974  1.00 45.31 ? 34 HOH A O     1 
HETATM 257 O O     . HOH F 3 .  ? -7.223  -0.473  -4.362  1.00 32.45 ? 35 HOH A O     1 
HETATM 258 O O     . HOH F 3 .  ? -10.521 -3.189  -4.783  1.00 28.00 ? 36 HOH A O     1 
HETATM 259 O O     . HOH F 3 .  ? -4.046  8.189   0.839   1.00 35.35 ? 37 HOH A O     1 
HETATM 260 O O     . HOH F 3 .  ? -2.706  8.293   -1.450  1.00 32.09 ? 38 HOH A O     1 
HETATM 261 O O     . HOH F 3 .  ? 5.117   8.384   -10.859 1.00 28.03 ? 39 HOH A O     1 
HETATM 262 O O     . HOH F 3 .  ? 2.467   7.828   -11.187 1.00 31.34 ? 40 HOH A O     1 
HETATM 263 O O     . HOH F 3 .  ? 6.996   3.718   -10.388 1.00 29.54 ? 41 HOH A O     1 
HETATM 264 O O     . HOH F 3 .  ? 10.295  -0.944  -8.759  1.00 34.94 ? 42 HOH A O     1 
HETATM 265 O O     . HOH F 3 .  ? 4.606   9.082   -5.054  1.00 26.18 ? 43 HOH A O     1 
HETATM 266 O O     . HOH F 3 .  ? -9.050  -5.818  1.353   1.00 44.41 ? 44 HOH A O     1 
HETATM 267 O O     . HOH F 3 .  ? -8.244  -8.244  -1.137  1.00 39.84 ? 45 HOH A O     1 
HETATM 268 O O     . HOH F 3 .  ? -6.459  -3.672  3.526   1.00 32.67 ? 46 HOH A O     1 
HETATM 269 O O     . HOH F 3 .  ? -10.773 2.599   3.010   1.00 27.56 ? 47 HOH A O     1 
HETATM 270 O O     . HOH F 3 .  ? -11.619 0.898   4.736   0.50 25.35 ? 48 HOH A O     1 
HETATM 271 O O     . HOH F 3 .  ? 0.569   -4.088  -4.150  1.00 32.34 ? 49 HOH A O     1 
HETATM 272 O O     . HOH F 3 .  ? 2.900   -4.041  -5.592  1.00 47.31 ? 50 HOH A O     1 
HETATM 273 O O     . HOH F 3 .  ? 7.941   -9.597  -2.939  1.00 33.50 ? 51 HOH A O     1 
HETATM 274 O O     . HOH F 3 .  ? 12.669  -6.248  -0.842  1.00 40.42 ? 52 HOH A O     1 
HETATM 275 O O     . HOH F 3 .  ? 2.425   -8.831  -3.283  1.00 34.09 ? 53 HOH A O     1 
HETATM 276 O O     . HOH F 3 .  ? 0.641   10.346  -9.240  1.00 38.46 ? 54 HOH A O     1 
HETATM 277 O O     . HOH F 3 .  ? -8.404  9.362   4.998   0.50 36.41 ? 55 HOH A O     1 
HETATM 278 O O     . HOH F 3 .  ? -10.155 6.126   7.414   1.00 35.50 ? 56 HOH A O     1 
HETATM 279 O O     . HOH F 3 .  ? -1.875  -11.585 -3.184  1.00 36.10 ? 57 HOH A O     1 
HETATM 280 O O     . HOH F 3 .  ? -11.409 -3.278  -1.016  1.00 37.41 ? 58 HOH A O     1 
HETATM 281 O O     . HOH F 3 .  ? -6.071  -4.831  5.964   1.00 42.59 ? 59 HOH A O     1 
HETATM 282 O O     . HOH F 3 .  ? -4.431  0.982   -9.406  0.50 34.86 ? 60 HOH A O     1 
HETATM 283 O O     . HOH F 3 .  ? -4.683  6.200   2.484   1.00 34.43 ? 61 HOH A O     1 
HETATM 284 O O     . HOH F 3 .  ? -6.612  -8.914  5.514   1.00 38.31 ? 62 HOH A O     1 
HETATM 285 O O     . HOH F 3 .  ? -1.714  12.132  4.199   1.00 39.84 ? 63 HOH A O     1 
HETATM 286 O O     . HOH F 3 .  ? -4.776  -0.068  -5.296  0.50 26.41 ? 64 HOH A O     1 
HETATM 287 O O     . HOH F 3 .  ? 1.630   8.550   12.271  1.00 40.73 ? 65 HOH A O     1 
HETATM 288 O O     . HOH F 3 .  ? -0.656  -7.904  6.136   1.00 46.54 ? 66 HOH A O     1 
HETATM 289 O O     . HOH F 3 .  ? 9.114   -8.928  4.637   0.50 18.59 ? 67 HOH A O     1 
HETATM 290 O O     . HOH F 3 .  ? 11.696  -10.487 1.849   0.50 29.28 ? 68 HOH A O     1 
HETATM 291 O O     . HOH F 3 .  ? 2.295   -11.193 -5.381  0.50 25.07 ? 69 HOH A O     1 
# 
